data_3CGT
#
_entry.id   3CGT
#
_cell.length_a   94.500
_cell.length_b   105.000
_cell.length_c   113.800
_cell.angle_alpha   90.00
_cell.angle_beta   90.00
_cell.angle_gamma   90.00
#
_symmetry.space_group_name_H-M   'P 21 21 21'
#
loop_
_entity.id
_entity.type
_entity.pdbx_description
1 polymer 'CYCLODEXTRIN GLYCOSYLTRANSFERASE'
2 branched Cycloheptakis-(1-4)-(alpha-D-glucopyranose)
3 non-polymer 'CALCIUM ION'
4 water water
#
_entity_poly.entity_id   1
_entity_poly.type   'polypeptide(L)'
_entity_poly.pdbx_seq_one_letter_code
;DPDTAVTNKQSFSTDVIYQVFTDRFLDGNPSNNPTGAAYDATCSNLKLYCGGDWQGLINKINDNYFSDLGVTALWISQPV
ENIFATINYSGVTNTAYHGYWARDFKKTNPYFGTMADFQNLITTAHAKGIKIVIDFAPNHTSPAMETDTSFAENGRLYDN
GTLVGGYTNDTNGYFHHNGGSDFSSLENGIYKNLYDLADFNHNNATIDKYFKDAIKLWLDMGVDGIRVDAVKHMPLGWQK
SWMSSIYAHKPVFTFGAWFLGSAASDADNTDFANKSGMSLLDFRFNSAVRNVFRDNTSNMYALDSMINSTATDYNQVNDQ
VTFIDNHDMDRFKTSAVNNRRLEQALAFTLTSRGVPAIYYGTEQYLTGNGDPDNRAKMPSFSKSTTAFNVISKLAPLRKS
NPAIAYGSTQQRWINNDVYVYERKFGKSVAVVAVNRNLSTSASITGLSTSLPTGSYTDVLGGVLNGNNITSTNGSINNFT
LAAGATAVWQYTTAETTPTIGHVGPVMGKPGNVVTIDGRGFGSTKGTVYFGTTAVTGAAITSWEDTQIKVTIPSVAAGNY
AVKVAASGVNSNAYNNFTILTGDQVTVRFVVNNASTTLGQNLYLTGNVAELGNWSTGSTAIGPAFNQVIHQYPTWYYDVS
VPAGKQLEFKFFKKNGSTITWESGSNHTFTTPASGTATVTVNWQ
;
_entity_poly.pdbx_strand_id   A
#
loop_
_chem_comp.id
_chem_comp.type
_chem_comp.name
_chem_comp.formula
CA non-polymer 'CALCIUM ION' 'Ca 2'
GLC D-saccharide, alpha linking alpha-D-glucopyranose 'C6 H12 O6'
#
# COMPACT_ATOMS: atom_id res chain seq x y z
N ASP A 1 -22.45 -3.73 10.16
CA ASP A 1 -22.05 -3.60 8.72
C ASP A 1 -21.20 -4.81 8.26
N PRO A 2 -21.56 -5.42 7.11
CA PRO A 2 -20.70 -6.54 6.77
C PRO A 2 -19.27 -6.05 6.42
N ASP A 3 -18.29 -6.95 6.58
CA ASP A 3 -16.89 -6.69 6.25
C ASP A 3 -16.76 -6.28 4.78
N THR A 4 -17.75 -6.73 4.02
CA THR A 4 -17.89 -6.54 2.60
C THR A 4 -18.35 -5.18 2.11
N ALA A 5 -19.13 -4.46 2.93
CA ALA A 5 -19.66 -3.14 2.58
C ALA A 5 -18.62 -2.04 2.27
N VAL A 6 -19.10 -1.00 1.60
CA VAL A 6 -18.30 0.16 1.21
C VAL A 6 -17.81 0.96 2.41
N THR A 7 -18.45 0.76 3.56
CA THR A 7 -18.09 1.46 4.79
C THR A 7 -16.82 0.91 5.42
N ASN A 8 -16.30 -0.16 4.83
CA ASN A 8 -15.10 -0.73 5.41
C ASN A 8 -13.82 -0.03 4.98
N LYS A 9 -13.54 1.09 5.65
CA LYS A 9 -12.36 1.86 5.35
C LYS A 9 -11.07 1.19 5.84
N GLN A 10 -11.17 0.23 6.76
CA GLN A 10 -9.96 -0.41 7.30
C GLN A 10 -9.42 -1.62 6.52
N SER A 11 -10.25 -2.23 5.68
CA SER A 11 -9.78 -3.36 4.89
C SER A 11 -10.15 -3.38 3.41
N PHE A 12 -9.14 -3.47 2.57
CA PHE A 12 -9.39 -3.55 1.12
C PHE A 12 -9.22 -4.97 0.53
N SER A 13 -9.18 -6.00 1.37
CA SER A 13 -9.01 -7.38 0.88
C SER A 13 -10.12 -7.94 -0.01
N THR A 14 -11.36 -7.47 0.20
CA THR A 14 -12.49 -7.93 -0.60
C THR A 14 -12.70 -7.02 -1.81
N ASP A 15 -11.78 -6.08 -2.00
CA ASP A 15 -11.92 -5.13 -3.10
C ASP A 15 -11.00 -5.39 -4.29
N VAL A 16 -11.18 -4.58 -5.33
CA VAL A 16 -10.34 -4.62 -6.52
C VAL A 16 -10.17 -3.16 -6.88
N ILE A 17 -8.96 -2.65 -6.73
CA ILE A 17 -8.69 -1.24 -7.00
C ILE A 17 -8.38 -0.96 -8.45
N TYR A 18 -8.89 0.15 -8.96
CA TYR A 18 -8.68 0.56 -10.34
C TYR A 18 -7.87 1.86 -10.24
N GLN A 19 -6.59 1.79 -10.62
CA GLN A 19 -5.71 2.96 -10.53
C GLN A 19 -5.87 3.76 -11.80
N VAL A 20 -6.22 5.03 -11.65
CA VAL A 20 -6.42 5.88 -12.81
C VAL A 20 -5.76 7.25 -12.69
N PHE A 21 -5.13 7.68 -13.79
CA PHE A 21 -4.51 9.00 -13.88
C PHE A 21 -5.66 9.89 -14.28
N THR A 22 -6.13 10.69 -13.32
CA THR A 22 -7.28 11.56 -13.53
C THR A 22 -7.29 12.31 -14.84
N ASP A 23 -6.16 12.90 -15.22
CA ASP A 23 -6.09 13.68 -16.46
C ASP A 23 -6.31 12.86 -17.72
N ARG A 24 -5.92 11.59 -17.70
CA ARG A 24 -6.01 10.72 -18.87
C ARG A 24 -7.29 9.90 -19.01
N PHE A 25 -8.22 10.09 -18.09
CA PHE A 25 -9.43 9.29 -18.17
C PHE A 25 -10.58 9.88 -18.97
N LEU A 26 -11.25 10.90 -18.42
CA LEU A 26 -12.40 11.50 -19.08
C LEU A 26 -12.58 12.96 -18.64
N ASP A 27 -12.56 13.86 -19.61
CA ASP A 27 -12.73 15.28 -19.33
C ASP A 27 -14.22 15.55 -19.25
N GLY A 28 -14.80 15.31 -18.08
CA GLY A 28 -16.22 15.52 -17.89
C GLY A 28 -16.69 16.95 -18.00
N ASN A 29 -15.81 17.88 -17.68
CA ASN A 29 -16.15 19.29 -17.70
C ASN A 29 -15.02 20.06 -18.34
N PRO A 30 -15.17 20.46 -19.61
CA PRO A 30 -14.17 21.21 -20.38
C PRO A 30 -13.96 22.63 -19.89
N SER A 31 -14.82 23.06 -18.97
CA SER A 31 -14.76 24.41 -18.43
C SER A 31 -13.63 24.64 -17.44
N ASN A 32 -13.00 23.56 -16.99
CA ASN A 32 -11.91 23.70 -16.03
C ASN A 32 -10.59 23.34 -16.67
N ASN A 33 -10.61 23.06 -17.97
CA ASN A 33 -9.41 22.67 -18.69
C ASN A 33 -8.35 23.76 -18.69
N PRO A 34 -7.06 23.38 -18.61
CA PRO A 34 -6.01 24.39 -18.62
C PRO A 34 -6.10 25.19 -19.90
N THR A 35 -5.48 26.37 -19.90
CA THR A 35 -5.52 27.23 -21.06
C THR A 35 -4.14 27.38 -21.70
N GLY A 36 -4.12 27.50 -23.03
CA GLY A 36 -2.87 27.69 -23.75
C GLY A 36 -1.97 26.48 -23.95
N ALA A 37 -0.68 26.74 -23.80
CA ALA A 37 0.39 25.74 -23.97
C ALA A 37 0.37 24.52 -23.07
N ALA A 38 -0.26 24.64 -21.90
CA ALA A 38 -0.31 23.53 -20.97
C ALA A 38 -1.35 22.46 -21.33
N TYR A 39 -2.21 22.78 -22.29
CA TYR A 39 -3.29 21.92 -22.71
C TYR A 39 -3.15 21.34 -24.11
N ASP A 40 -3.58 20.10 -24.31
CA ASP A 40 -3.53 19.47 -25.64
C ASP A 40 -4.84 18.72 -25.83
N ALA A 41 -5.80 19.37 -26.49
CA ALA A 41 -7.10 18.76 -26.72
C ALA A 41 -7.07 17.34 -27.31
N THR A 42 -6.14 17.10 -28.24
CA THR A 42 -6.00 15.78 -28.87
C THR A 42 -5.36 14.75 -27.98
N CYS A 43 -4.59 15.22 -27.00
CA CYS A 43 -3.89 14.35 -26.06
C CYS A 43 -2.89 13.46 -26.78
N SER A 44 -2.04 14.10 -27.58
CA SER A 44 -1.01 13.41 -28.33
C SER A 44 0.35 13.69 -27.68
N ASN A 45 0.48 14.84 -27.01
CA ASN A 45 1.73 15.17 -26.33
C ASN A 45 1.54 14.82 -24.86
N LEU A 46 1.77 13.55 -24.53
CA LEU A 46 1.58 13.00 -23.19
C LEU A 46 2.16 13.72 -21.96
N LYS A 47 2.99 14.74 -22.17
CA LYS A 47 3.55 15.50 -21.06
C LYS A 47 2.65 16.66 -20.65
N LEU A 48 1.69 17.03 -21.49
CA LEU A 48 0.75 18.13 -21.21
C LEU A 48 -0.58 17.59 -20.68
N TYR A 49 -1.50 18.49 -20.36
CA TYR A 49 -2.81 18.11 -19.87
C TYR A 49 -3.72 17.68 -21.01
N CYS A 50 -4.62 16.76 -20.72
CA CYS A 50 -5.56 16.30 -21.71
C CYS A 50 -6.96 16.71 -21.30
N GLY A 51 -7.10 17.13 -20.05
CA GLY A 51 -8.39 17.58 -19.56
C GLY A 51 -9.16 16.70 -18.60
N GLY A 52 -8.76 15.44 -18.46
CA GLY A 52 -9.45 14.51 -17.57
C GLY A 52 -9.66 15.11 -16.19
N ASP A 53 -10.85 14.97 -15.65
CA ASP A 53 -11.16 15.56 -14.34
C ASP A 53 -12.10 14.67 -13.52
N TRP A 54 -12.54 15.18 -12.37
CA TRP A 54 -13.42 14.43 -11.48
C TRP A 54 -14.85 14.23 -12.01
N GLN A 55 -15.35 15.19 -12.77
CA GLN A 55 -16.68 15.04 -13.35
C GLN A 55 -16.70 13.78 -14.26
N GLY A 56 -15.59 13.52 -14.94
CA GLY A 56 -15.50 12.38 -15.81
C GLY A 56 -15.67 11.09 -15.01
N LEU A 57 -14.99 11.02 -13.87
CA LEU A 57 -15.08 9.83 -13.03
C LEU A 57 -16.52 9.66 -12.62
N ILE A 58 -17.12 10.78 -12.19
CA ILE A 58 -18.52 10.78 -11.77
C ILE A 58 -19.37 10.21 -12.90
N ASN A 59 -19.23 10.76 -14.10
CA ASN A 59 -20.01 10.28 -15.25
C ASN A 59 -19.96 8.78 -15.43
N LYS A 60 -18.75 8.21 -15.46
CA LYS A 60 -18.56 6.77 -15.66
C LYS A 60 -19.09 5.93 -14.52
N ILE A 61 -19.17 6.50 -13.31
CA ILE A 61 -19.75 5.77 -12.20
C ILE A 61 -21.27 5.72 -12.47
N ASN A 62 -21.83 6.86 -12.83
CA ASN A 62 -23.26 7.00 -13.11
C ASN A 62 -23.76 6.12 -14.23
N ASP A 63 -22.96 5.88 -15.26
CA ASP A 63 -23.42 4.98 -16.32
C ASP A 63 -22.88 3.55 -16.16
N ASN A 64 -22.54 3.20 -14.92
CA ASN A 64 -22.02 1.87 -14.53
C ASN A 64 -20.85 1.26 -15.31
N TYR A 65 -19.90 2.06 -15.77
CA TYR A 65 -18.76 1.48 -16.45
C TYR A 65 -18.03 0.63 -15.39
N PHE A 66 -17.73 1.25 -14.26
CA PHE A 66 -17.02 0.59 -13.16
C PHE A 66 -17.83 -0.52 -12.49
N SER A 67 -19.13 -0.30 -12.35
CA SER A 67 -20.00 -1.28 -11.71
C SER A 67 -20.09 -2.54 -12.54
N ASP A 68 -20.12 -2.39 -13.85
CA ASP A 68 -20.18 -3.57 -14.71
C ASP A 68 -18.82 -4.22 -14.81
N LEU A 69 -17.77 -3.40 -14.71
CA LEU A 69 -16.41 -3.91 -14.80
C LEU A 69 -16.09 -4.74 -13.58
N GLY A 70 -16.72 -4.41 -12.45
CA GLY A 70 -16.46 -5.18 -11.23
C GLY A 70 -15.52 -4.54 -10.23
N VAL A 71 -14.83 -3.44 -10.60
CA VAL A 71 -13.93 -2.78 -9.64
C VAL A 71 -14.75 -2.21 -8.49
N THR A 72 -14.24 -2.28 -7.26
CA THR A 72 -14.97 -1.76 -6.10
C THR A 72 -14.26 -0.62 -5.39
N ALA A 73 -13.28 0.00 -6.06
CA ALA A 73 -12.54 1.11 -5.48
C ALA A 73 -11.71 1.80 -6.54
N LEU A 74 -11.62 3.12 -6.45
CA LEU A 74 -10.83 3.90 -7.40
C LEU A 74 -9.67 4.53 -6.66
N TRP A 75 -8.49 4.50 -7.27
CA TRP A 75 -7.29 5.10 -6.72
C TRP A 75 -6.99 6.22 -7.74
N ILE A 76 -7.04 7.46 -7.29
CA ILE A 76 -6.88 8.58 -8.22
C ILE A 76 -5.59 9.36 -8.04
N SER A 77 -5.28 10.24 -8.99
CA SER A 77 -4.05 11.04 -8.85
C SER A 77 -4.23 11.90 -7.60
N GLN A 78 -3.12 12.44 -7.10
CA GLN A 78 -3.14 13.28 -5.92
C GLN A 78 -4.10 14.45 -6.20
N PRO A 79 -5.11 14.60 -5.33
CA PRO A 79 -6.15 15.64 -5.41
C PRO A 79 -5.76 17.09 -5.14
N VAL A 80 -4.62 17.33 -4.48
CA VAL A 80 -4.22 18.71 -4.13
C VAL A 80 -3.72 19.61 -5.25
N GLU A 81 -3.67 20.91 -4.94
CA GLU A 81 -3.25 21.91 -5.89
C GLU A 81 -1.75 21.76 -6.19
N ASN A 82 -1.42 21.74 -7.48
CA ASN A 82 -0.04 21.58 -7.97
C ASN A 82 0.43 22.90 -8.57
N ILE A 83 1.73 23.02 -8.81
CA ILE A 83 2.28 24.24 -9.41
C ILE A 83 1.60 24.48 -10.77
N PHE A 84 1.42 25.76 -11.12
CA PHE A 84 0.80 26.16 -12.38
C PHE A 84 1.83 26.39 -13.48
N ALA A 85 3.08 26.65 -13.11
CA ALA A 85 4.13 26.89 -14.08
C ALA A 85 4.37 25.71 -15.02
N THR A 86 5.12 25.96 -16.08
CA THR A 86 5.45 24.94 -17.05
C THR A 86 6.96 24.80 -16.99
N ILE A 87 7.46 23.58 -17.14
CA ILE A 87 8.88 23.34 -17.05
C ILE A 87 9.40 22.73 -18.33
N ASN A 88 10.39 23.38 -18.93
CA ASN A 88 11.00 22.90 -20.16
C ASN A 88 12.22 22.08 -19.76
N TYR A 89 12.14 20.76 -19.91
CA TYR A 89 13.26 19.88 -19.58
C TYR A 89 14.04 19.59 -20.85
N SER A 90 15.13 20.35 -21.03
CA SER A 90 16.00 20.24 -22.21
C SER A 90 15.18 20.08 -23.51
N GLY A 91 14.42 21.13 -23.82
CA GLY A 91 13.62 21.13 -25.02
C GLY A 91 12.17 20.71 -24.86
N VAL A 92 11.88 19.72 -24.04
CA VAL A 92 10.49 19.26 -23.90
C VAL A 92 9.67 19.90 -22.77
N THR A 93 8.50 20.43 -23.12
CA THR A 93 7.58 21.07 -22.16
C THR A 93 6.86 20.04 -21.28
N ASN A 94 6.95 20.23 -19.96
CA ASN A 94 6.34 19.34 -18.97
C ASN A 94 5.34 20.09 -18.07
N THR A 95 4.25 19.41 -17.70
CA THR A 95 3.21 19.94 -16.81
C THR A 95 2.99 18.98 -15.64
N ALA A 96 2.29 19.46 -14.63
CA ALA A 96 1.99 18.67 -13.44
C ALA A 96 0.74 17.80 -13.60
N TYR A 97 0.42 17.39 -14.83
CA TYR A 97 -0.77 16.56 -15.09
C TYR A 97 -0.85 15.30 -14.19
N HIS A 98 0.32 14.82 -13.76
CA HIS A 98 0.39 13.63 -12.93
C HIS A 98 0.00 13.84 -11.48
N GLY A 99 -0.09 15.09 -11.05
CA GLY A 99 -0.48 15.39 -9.68
C GLY A 99 0.64 15.41 -8.65
N TYR A 100 1.84 14.96 -9.04
CA TYR A 100 2.98 14.90 -8.11
C TYR A 100 3.73 16.17 -7.74
N TRP A 101 3.45 17.30 -8.41
CA TRP A 101 4.17 18.52 -8.08
C TRP A 101 3.30 19.44 -7.26
N ALA A 102 3.12 19.07 -6.00
CA ALA A 102 2.27 19.83 -5.13
C ALA A 102 2.77 21.21 -4.70
N ARG A 103 1.83 22.14 -4.58
CA ARG A 103 2.21 23.45 -4.10
C ARG A 103 1.38 23.79 -2.87
N ASP A 104 0.13 23.31 -2.81
CA ASP A 104 -0.73 23.56 -1.64
C ASP A 104 -1.56 22.29 -1.32
N PHE A 105 -1.25 21.62 -0.22
CA PHE A 105 -1.96 20.37 0.14
C PHE A 105 -3.33 20.58 0.79
N LYS A 106 -3.68 21.84 1.07
CA LYS A 106 -4.96 22.17 1.70
C LYS A 106 -6.04 22.58 0.69
N LYS A 107 -5.69 22.70 -0.58
CA LYS A 107 -6.66 23.11 -1.62
C LYS A 107 -6.69 22.07 -2.74
N THR A 108 -7.77 22.02 -3.51
CA THR A 108 -7.83 21.06 -4.62
C THR A 108 -7.15 21.61 -5.87
N ASN A 109 -6.81 20.69 -6.78
CA ASN A 109 -6.18 21.03 -8.05
C ASN A 109 -7.37 21.50 -8.88
N PRO A 110 -7.41 22.79 -9.26
CA PRO A 110 -8.54 23.26 -10.05
C PRO A 110 -8.80 22.49 -11.33
N TYR A 111 -7.75 21.99 -11.98
CA TYR A 111 -7.94 21.24 -13.23
C TYR A 111 -8.77 19.96 -13.10
N PHE A 112 -8.75 19.37 -11.92
CA PHE A 112 -9.52 18.16 -11.66
C PHE A 112 -10.91 18.53 -11.18
N GLY A 113 -10.99 19.63 -10.43
CA GLY A 113 -12.27 20.10 -9.92
C GLY A 113 -12.15 20.93 -8.66
N THR A 114 -13.30 21.28 -8.10
CA THR A 114 -13.36 22.08 -6.89
C THR A 114 -13.52 21.15 -5.67
N MET A 115 -13.67 21.77 -4.51
CA MET A 115 -13.89 21.05 -3.27
C MET A 115 -15.24 20.38 -3.39
N ALA A 116 -16.15 21.09 -4.05
CA ALA A 116 -17.51 20.62 -4.26
C ALA A 116 -17.51 19.43 -5.20
N ASP A 117 -16.74 19.54 -6.28
CA ASP A 117 -16.66 18.46 -7.24
C ASP A 117 -16.16 17.23 -6.50
N PHE A 118 -15.13 17.43 -5.70
CA PHE A 118 -14.57 16.35 -4.92
C PHE A 118 -15.59 15.72 -4.00
N GLN A 119 -16.25 16.51 -3.16
CA GLN A 119 -17.24 15.92 -2.25
C GLN A 119 -18.28 15.17 -3.07
N ASN A 120 -18.68 15.79 -4.18
CA ASN A 120 -19.65 15.19 -5.06
C ASN A 120 -19.15 13.84 -5.63
N LEU A 121 -17.82 13.70 -5.79
CA LEU A 121 -17.22 12.45 -6.27
C LEU A 121 -17.33 11.39 -5.16
N ILE A 122 -16.97 11.77 -3.93
CA ILE A 122 -17.04 10.85 -2.77
C ILE A 122 -18.46 10.28 -2.62
N THR A 123 -19.43 11.17 -2.61
CA THR A 123 -20.84 10.82 -2.48
C THR A 123 -21.28 9.88 -3.60
N THR A 124 -21.05 10.27 -4.85
CA THR A 124 -21.45 9.41 -5.95
C THR A 124 -20.81 8.02 -5.87
N ALA A 125 -19.56 7.97 -5.44
CA ALA A 125 -18.82 6.71 -5.34
C ALA A 125 -19.43 5.80 -4.31
N HIS A 126 -19.57 6.33 -3.10
CA HIS A 126 -20.13 5.58 -1.99
C HIS A 126 -21.52 5.05 -2.31
N ALA A 127 -22.26 5.84 -3.09
CA ALA A 127 -23.60 5.44 -3.48
C ALA A 127 -23.57 4.16 -4.34
N LYS A 128 -22.57 4.01 -5.19
CA LYS A 128 -22.49 2.83 -6.03
C LYS A 128 -21.66 1.73 -5.34
N GLY A 129 -21.26 1.98 -4.10
CA GLY A 129 -20.47 1.03 -3.34
C GLY A 129 -19.02 0.97 -3.74
N ILE A 130 -18.49 2.09 -4.21
CA ILE A 130 -17.11 2.16 -4.62
C ILE A 130 -16.33 3.03 -3.65
N LYS A 131 -15.25 2.50 -3.11
CA LYS A 131 -14.41 3.26 -2.17
C LYS A 131 -13.50 4.18 -2.99
N ILE A 132 -13.01 5.26 -2.36
CA ILE A 132 -12.11 6.21 -3.01
C ILE A 132 -10.77 6.23 -2.25
N VAL A 133 -9.67 6.01 -2.99
CA VAL A 133 -8.32 6.00 -2.40
C VAL A 133 -7.57 7.17 -3.04
N ILE A 134 -6.79 7.93 -2.28
CA ILE A 134 -6.05 9.04 -2.90
C ILE A 134 -4.54 8.89 -2.84
N ASP A 135 -3.89 9.43 -3.86
CA ASP A 135 -2.44 9.44 -3.95
C ASP A 135 -2.06 10.59 -3.05
N PHE A 136 -1.00 10.43 -2.25
CA PHE A 136 -0.59 11.52 -1.37
C PHE A 136 0.93 11.52 -1.28
N ALA A 137 1.56 12.64 -1.62
CA ALA A 137 3.02 12.72 -1.62
C ALA A 137 3.64 13.75 -0.68
N PRO A 138 3.94 13.36 0.57
CA PRO A 138 4.53 14.27 1.56
C PRO A 138 6.07 14.36 1.56
N ASN A 139 6.71 13.78 0.55
CA ASN A 139 8.16 13.85 0.52
C ASN A 139 8.69 15.16 -0.03
N HIS A 140 7.93 15.80 -0.92
CA HIS A 140 8.39 17.01 -1.57
C HIS A 140 7.26 17.88 -2.14
N THR A 141 7.64 19.00 -2.77
CA THR A 141 6.70 19.90 -3.42
C THR A 141 6.85 19.77 -4.95
N SER A 142 7.62 20.66 -5.56
CA SER A 142 7.82 20.69 -7.01
C SER A 142 9.30 20.88 -7.30
N PRO A 143 9.70 20.75 -8.58
CA PRO A 143 11.11 20.91 -8.99
C PRO A 143 11.60 22.31 -8.66
N ALA A 144 12.80 22.44 -8.11
CA ALA A 144 13.32 23.75 -7.77
C ALA A 144 14.84 23.80 -7.85
N MET A 145 15.36 24.99 -8.16
CA MET A 145 16.80 25.20 -8.19
C MET A 145 17.06 26.25 -7.14
N GLU A 146 18.00 25.95 -6.24
CA GLU A 146 18.33 26.86 -5.17
C GLU A 146 18.83 28.21 -5.68
N THR A 147 19.70 28.16 -6.68
CA THR A 147 20.28 29.36 -7.24
C THR A 147 19.34 30.18 -8.12
N ASP A 148 18.54 29.52 -8.95
CA ASP A 148 17.63 30.26 -9.82
C ASP A 148 16.16 30.17 -9.43
N THR A 149 15.66 31.20 -8.74
CA THR A 149 14.26 31.22 -8.31
C THR A 149 13.26 31.29 -9.45
N SER A 150 13.71 31.64 -10.64
CA SER A 150 12.80 31.76 -11.78
C SER A 150 12.46 30.42 -12.44
N PHE A 151 13.06 29.35 -11.94
CA PHE A 151 12.80 28.00 -12.45
C PHE A 151 11.55 27.48 -11.74
N ALA A 152 10.54 27.09 -12.53
CA ALA A 152 9.26 26.58 -12.04
C ALA A 152 8.76 27.53 -10.95
N GLU A 153 8.39 27.01 -9.78
CA GLU A 153 7.94 27.88 -8.70
C GLU A 153 8.87 27.76 -7.51
N ASN A 154 10.16 27.57 -7.79
CA ASN A 154 11.15 27.45 -6.74
C ASN A 154 10.64 26.60 -5.57
N GLY A 155 9.90 25.53 -5.88
CA GLY A 155 9.36 24.64 -4.86
C GLY A 155 8.48 25.21 -3.76
N ARG A 156 7.95 26.42 -3.93
CA ARG A 156 7.13 27.07 -2.91
C ARG A 156 5.92 26.29 -2.37
N LEU A 157 5.73 26.35 -1.06
CA LEU A 157 4.62 25.68 -0.40
C LEU A 157 3.61 26.69 0.20
N TYR A 158 2.33 26.37 0.08
CA TYR A 158 1.26 27.21 0.59
C TYR A 158 0.37 26.48 1.58
N ASP A 159 -0.11 27.23 2.57
CA ASP A 159 -1.00 26.70 3.57
C ASP A 159 -2.32 27.38 3.28
N ASN A 160 -3.13 26.70 2.49
CA ASN A 160 -4.44 27.18 2.06
C ASN A 160 -4.38 28.64 1.60
N GLY A 161 -3.51 28.89 0.63
CA GLY A 161 -3.35 30.21 0.11
C GLY A 161 -2.17 30.92 0.74
N THR A 162 -1.99 30.84 2.05
CA THR A 162 -0.88 31.55 2.69
C THR A 162 0.49 30.96 2.38
N LEU A 163 1.44 31.80 1.96
CA LEU A 163 2.77 31.30 1.64
C LEU A 163 3.50 30.88 2.88
N VAL A 164 4.06 29.67 2.85
CA VAL A 164 4.84 29.17 3.97
C VAL A 164 6.30 29.43 3.63
N GLY A 165 6.74 29.02 2.43
CA GLY A 165 8.12 29.24 2.03
C GLY A 165 8.62 28.52 0.78
N GLY A 166 9.62 29.11 0.15
CA GLY A 166 10.20 28.51 -1.05
C GLY A 166 11.49 27.78 -0.76
N TYR A 167 12.10 27.24 -1.80
CA TYR A 167 13.35 26.53 -1.65
C TYR A 167 14.51 27.49 -1.41
N THR A 168 14.58 28.58 -2.16
CA THR A 168 15.64 29.57 -1.98
C THR A 168 15.29 30.44 -0.76
N ASN A 169 16.33 30.91 -0.07
CA ASN A 169 16.17 31.73 1.13
C ASN A 169 15.22 31.02 2.08
N ASP A 170 15.54 29.75 2.35
CA ASP A 170 14.74 28.95 3.27
C ASP A 170 15.46 29.06 4.60
N THR A 171 15.34 30.23 5.21
CA THR A 171 15.98 30.50 6.49
C THR A 171 15.51 29.54 7.57
N ASN A 172 14.22 29.21 7.54
CA ASN A 172 13.61 28.32 8.53
C ASN A 172 13.93 26.85 8.40
N GLY A 173 14.62 26.49 7.33
CA GLY A 173 14.96 25.09 7.16
C GLY A 173 13.79 24.15 6.90
N TYR A 174 12.75 24.62 6.24
CA TYR A 174 11.61 23.75 5.90
C TYR A 174 12.01 22.60 4.94
N PHE A 175 13.07 22.81 4.15
CA PHE A 175 13.52 21.80 3.18
C PHE A 175 14.96 21.42 3.44
N HIS A 176 15.36 20.29 2.85
CA HIS A 176 16.73 19.81 2.96
C HIS A 176 17.52 20.51 1.86
N HIS A 177 18.75 20.88 2.17
CA HIS A 177 19.61 21.54 1.19
C HIS A 177 20.92 20.75 1.14
N ASN A 178 20.81 19.43 1.00
CA ASN A 178 21.98 18.55 0.96
C ASN A 178 22.26 18.01 -0.42
N GLY A 179 21.88 18.77 -1.43
CA GLY A 179 22.09 18.34 -2.80
C GLY A 179 21.04 17.33 -3.20
N GLY A 180 21.31 16.64 -4.31
CA GLY A 180 20.41 15.63 -4.86
C GLY A 180 20.99 14.25 -4.64
N SER A 181 20.12 13.32 -4.29
CA SER A 181 20.51 11.95 -4.01
C SER A 181 21.14 11.34 -5.25
N ASP A 182 22.11 10.44 -5.04
CA ASP A 182 22.75 9.72 -6.13
C ASP A 182 22.30 8.27 -6.00
N PHE A 183 21.34 8.09 -5.12
CA PHE A 183 20.74 6.78 -4.87
C PHE A 183 21.71 5.69 -4.45
N SER A 184 22.88 6.06 -3.93
CA SER A 184 23.86 5.04 -3.53
C SER A 184 23.58 4.32 -2.22
N SER A 185 22.66 4.84 -1.40
CA SER A 185 22.32 4.19 -0.12
C SER A 185 20.98 4.67 0.42
N LEU A 186 20.35 3.88 1.29
CA LEU A 186 19.05 4.24 1.85
C LEU A 186 19.04 5.65 2.45
N GLU A 187 20.07 5.97 3.21
CA GLU A 187 20.22 7.27 3.85
C GLU A 187 20.39 8.40 2.84
N ASN A 188 21.19 8.15 1.80
CA ASN A 188 21.44 9.15 0.75
C ASN A 188 20.13 9.50 0.04
N GLY A 189 19.26 8.51 -0.09
CA GLY A 189 17.96 8.72 -0.74
C GLY A 189 16.85 9.31 0.14
N ILE A 190 17.08 9.44 1.44
CA ILE A 190 16.06 9.99 2.33
C ILE A 190 16.29 11.47 2.67
N TYR A 191 17.56 11.84 2.79
CA TYR A 191 17.92 13.19 3.16
C TYR A 191 18.45 14.09 2.07
N LYS A 192 18.34 13.65 0.84
CA LYS A 192 18.78 14.44 -0.30
C LYS A 192 17.60 14.51 -1.26
N ASN A 193 17.69 15.36 -2.25
CA ASN A 193 16.58 15.52 -3.20
C ASN A 193 16.34 14.37 -4.15
N LEU A 194 15.08 14.09 -4.37
CA LEU A 194 14.66 13.07 -5.29
C LEU A 194 14.68 13.89 -6.59
N TYR A 195 15.77 13.79 -7.34
CA TYR A 195 15.97 14.52 -8.59
C TYR A 195 16.10 15.99 -8.25
N ASP A 196 15.22 16.82 -8.79
CA ASP A 196 15.30 18.23 -8.51
C ASP A 196 14.10 18.69 -7.68
N LEU A 197 13.41 17.72 -7.09
CA LEU A 197 12.24 17.98 -6.25
C LEU A 197 12.63 18.44 -4.83
N ALA A 198 12.18 19.63 -4.44
CA ALA A 198 12.47 20.18 -3.10
C ALA A 198 12.03 19.19 -2.02
N ASP A 199 13.00 18.69 -1.26
CA ASP A 199 12.79 17.70 -0.21
C ASP A 199 12.41 18.30 1.15
N PHE A 200 11.26 17.92 1.66
CA PHE A 200 10.82 18.40 2.96
C PHE A 200 11.67 17.91 4.11
N ASN A 201 11.93 18.81 5.05
CA ASN A 201 12.66 18.45 6.26
C ASN A 201 11.56 18.25 7.29
N HIS A 202 11.13 17.00 7.48
CA HIS A 202 10.04 16.70 8.42
C HIS A 202 10.45 16.84 9.88
N ASN A 203 11.71 17.15 10.13
CA ASN A 203 12.14 17.32 11.49
C ASN A 203 11.70 18.70 11.98
N ASN A 204 11.20 19.51 11.05
CA ASN A 204 10.72 20.86 11.33
C ASN A 204 9.27 20.76 11.81
N ALA A 205 9.02 21.14 13.06
CA ALA A 205 7.68 21.08 13.66
C ALA A 205 6.54 21.67 12.82
N THR A 206 6.82 22.74 12.11
CA THR A 206 5.83 23.38 11.25
C THR A 206 5.40 22.39 10.17
N ILE A 207 6.39 21.76 9.54
CA ILE A 207 6.16 20.78 8.48
C ILE A 207 5.41 19.58 9.04
N ASP A 208 5.83 19.12 10.22
CA ASP A 208 5.18 17.99 10.88
C ASP A 208 3.69 18.28 11.08
N LYS A 209 3.38 19.44 11.67
CA LYS A 209 2.00 19.81 11.94
C LYS A 209 1.22 20.00 10.65
N TYR A 210 1.86 20.62 9.66
CA TYR A 210 1.21 20.87 8.39
C TYR A 210 0.71 19.57 7.77
N PHE A 211 1.56 18.55 7.74
CA PHE A 211 1.14 17.29 7.12
C PHE A 211 0.10 16.50 7.90
N LYS A 212 0.12 16.62 9.23
CA LYS A 212 -0.90 15.91 10.01
C LYS A 212 -2.21 16.64 9.77
N ASP A 213 -2.16 17.98 9.82
CA ASP A 213 -3.35 18.77 9.61
C ASP A 213 -3.92 18.50 8.25
N ALA A 214 -3.08 18.66 7.23
CA ALA A 214 -3.46 18.45 5.85
C ALA A 214 -4.10 17.10 5.59
N ILE A 215 -3.56 16.04 6.15
CA ILE A 215 -4.20 14.75 5.89
C ILE A 215 -5.59 14.64 6.55
N LYS A 216 -5.74 15.22 7.75
CA LYS A 216 -7.02 15.18 8.47
C LYS A 216 -8.09 15.78 7.57
N LEU A 217 -7.74 16.85 6.87
CA LEU A 217 -8.67 17.52 5.97
C LEU A 217 -9.30 16.54 5.00
N TRP A 218 -8.48 15.81 4.24
CA TRP A 218 -9.02 14.84 3.26
C TRP A 218 -9.74 13.64 3.88
N LEU A 219 -9.26 13.17 5.03
CA LEU A 219 -9.91 12.06 5.70
C LEU A 219 -11.32 12.49 6.05
N ASP A 220 -11.43 13.74 6.52
CA ASP A 220 -12.70 14.34 6.91
C ASP A 220 -13.66 14.51 5.77
N MET A 221 -13.17 14.37 4.55
CA MET A 221 -14.02 14.50 3.38
C MET A 221 -14.56 13.15 2.97
N GLY A 222 -14.14 12.12 3.68
CA GLY A 222 -14.63 10.78 3.40
C GLY A 222 -13.78 9.85 2.57
N VAL A 223 -12.50 10.15 2.37
CA VAL A 223 -11.64 9.24 1.59
C VAL A 223 -11.55 7.91 2.36
N ASP A 224 -11.36 6.81 1.66
CA ASP A 224 -11.31 5.53 2.35
C ASP A 224 -9.96 4.86 2.44
N GLY A 225 -8.98 5.39 1.71
CA GLY A 225 -7.64 4.82 1.72
C GLY A 225 -6.65 5.86 1.19
N ILE A 226 -5.37 5.66 1.50
CA ILE A 226 -4.32 6.58 1.08
C ILE A 226 -3.15 5.80 0.48
N ARG A 227 -2.67 6.23 -0.68
CA ARG A 227 -1.50 5.60 -1.33
C ARG A 227 -0.36 6.59 -1.11
N VAL A 228 0.53 6.28 -0.19
CA VAL A 228 1.66 7.18 0.08
C VAL A 228 2.79 7.02 -0.92
N ASP A 229 3.22 8.16 -1.47
CA ASP A 229 4.27 8.21 -2.47
C ASP A 229 5.68 8.29 -1.90
N ALA A 230 6.60 7.55 -2.53
CA ALA A 230 8.02 7.58 -2.17
C ALA A 230 8.35 7.35 -0.70
N VAL A 231 7.79 6.28 -0.13
CA VAL A 231 8.00 5.97 1.26
C VAL A 231 9.48 5.65 1.55
N LYS A 232 10.19 5.17 0.55
CA LYS A 232 11.60 4.82 0.66
C LYS A 232 12.50 6.09 0.70
N HIS A 233 11.88 7.26 0.53
CA HIS A 233 12.63 8.52 0.53
C HIS A 233 12.29 9.44 1.68
N MET A 234 11.60 8.88 2.67
CA MET A 234 11.22 9.60 3.88
C MET A 234 11.64 8.71 5.04
N PRO A 235 11.88 9.29 6.24
CA PRO A 235 12.31 8.47 7.37
C PRO A 235 11.19 7.55 7.87
N LEU A 236 11.53 6.31 8.21
CA LEU A 236 10.51 5.39 8.71
C LEU A 236 9.87 5.98 9.95
N GLY A 237 10.72 6.50 10.85
CA GLY A 237 10.27 7.09 12.09
C GLY A 237 9.20 8.14 11.95
N TRP A 238 9.46 9.16 11.14
CA TRP A 238 8.47 10.23 10.95
C TRP A 238 7.18 9.60 10.46
N GLN A 239 7.30 8.82 9.39
CA GLN A 239 6.14 8.15 8.83
C GLN A 239 5.26 7.40 9.83
N LYS A 240 5.90 6.64 10.72
CA LYS A 240 5.17 5.88 11.74
C LYS A 240 4.41 6.84 12.64
N SER A 241 5.08 7.89 13.09
CA SER A 241 4.45 8.90 13.92
C SER A 241 3.23 9.45 13.15
N TRP A 242 3.45 9.90 11.92
CA TRP A 242 2.39 10.44 11.06
C TRP A 242 1.23 9.44 11.01
N MET A 243 1.56 8.18 10.73
CA MET A 243 0.56 7.13 10.68
C MET A 243 -0.25 7.00 11.96
N SER A 244 0.39 7.05 13.12
CA SER A 244 -0.37 6.90 14.36
C SER A 244 -1.33 8.03 14.58
N SER A 245 -1.06 9.20 14.00
CA SER A 245 -1.97 10.33 14.18
C SER A 245 -3.17 10.11 13.28
N ILE A 246 -2.93 9.46 12.14
CA ILE A 246 -4.00 9.17 11.20
C ILE A 246 -4.92 8.13 11.81
N TYR A 247 -4.34 7.06 12.35
CA TYR A 247 -5.13 6.00 12.95
C TYR A 247 -5.87 6.42 14.19
N ALA A 248 -5.36 7.44 14.89
CA ALA A 248 -6.01 7.92 16.11
C ALA A 248 -7.21 8.79 15.75
N HIS A 249 -7.24 9.25 14.50
CA HIS A 249 -8.31 10.12 14.03
C HIS A 249 -9.40 9.43 13.19
N LYS A 250 -9.02 8.95 12.01
CA LYS A 250 -9.95 8.27 11.13
C LYS A 250 -9.11 7.25 10.41
N PRO A 251 -9.02 6.04 10.96
CA PRO A 251 -8.24 4.96 10.36
C PRO A 251 -8.71 4.58 8.96
N VAL A 252 -7.80 4.60 8.00
CA VAL A 252 -8.13 4.23 6.64
C VAL A 252 -7.00 3.33 6.11
N PHE A 253 -7.32 2.39 5.22
CA PHE A 253 -6.30 1.51 4.65
C PHE A 253 -5.20 2.38 4.02
N THR A 254 -3.95 2.15 4.41
CA THR A 254 -2.83 2.95 3.88
C THR A 254 -1.70 2.06 3.43
N PHE A 255 -1.18 2.31 2.22
CA PHE A 255 -0.08 1.54 1.63
C PHE A 255 0.85 2.48 0.89
N GLY A 256 2.12 2.09 0.76
CA GLY A 256 3.09 2.94 0.09
C GLY A 256 3.84 2.33 -1.10
N ALA A 257 4.62 3.17 -1.77
CA ALA A 257 5.38 2.71 -2.91
C ALA A 257 6.87 2.67 -2.61
N TRP A 258 7.38 1.46 -2.46
CA TRP A 258 8.80 1.22 -2.20
C TRP A 258 9.24 0.43 -3.41
N PHE A 259 9.77 1.12 -4.42
CA PHE A 259 10.19 0.43 -5.62
C PHE A 259 11.25 -0.65 -5.41
N LEU A 260 11.07 -1.77 -6.12
CA LEU A 260 12.00 -2.91 -6.10
C LEU A 260 12.14 -3.46 -7.54
N GLY A 261 13.29 -4.04 -7.84
CA GLY A 261 13.52 -4.55 -9.19
C GLY A 261 13.25 -6.02 -9.50
N SER A 262 13.23 -6.86 -8.48
CA SER A 262 13.00 -8.28 -8.71
C SER A 262 12.07 -8.85 -7.65
N ALA A 263 11.89 -10.16 -7.68
CA ALA A 263 11.03 -10.80 -6.73
C ALA A 263 11.82 -11.14 -5.46
N ALA A 264 13.11 -10.79 -5.44
CA ALA A 264 13.98 -11.10 -4.31
C ALA A 264 13.66 -10.29 -3.09
N SER A 265 13.80 -10.93 -1.93
CA SER A 265 13.56 -10.27 -0.65
C SER A 265 14.48 -9.09 -0.47
N ASP A 266 13.94 -8.00 0.05
CA ASP A 266 14.78 -6.85 0.33
C ASP A 266 14.54 -6.54 1.81
N ALA A 267 15.60 -6.62 2.59
CA ALA A 267 15.49 -6.39 4.02
C ALA A 267 14.80 -5.12 4.45
N ASP A 268 15.24 -3.97 3.92
CA ASP A 268 14.65 -2.68 4.31
C ASP A 268 13.17 -2.62 4.02
N ASN A 269 12.82 -3.11 2.83
CA ASN A 269 11.45 -3.13 2.34
C ASN A 269 10.59 -3.98 3.27
N THR A 270 11.08 -5.17 3.62
CA THR A 270 10.36 -6.06 4.52
C THR A 270 10.17 -5.37 5.87
N ASP A 271 11.27 -4.82 6.38
CA ASP A 271 11.24 -4.07 7.63
C ASP A 271 10.19 -2.95 7.62
N PHE A 272 10.16 -2.17 6.54
CA PHE A 272 9.21 -1.06 6.43
C PHE A 272 7.78 -1.57 6.53
N ALA A 273 7.45 -2.52 5.67
CA ALA A 273 6.13 -3.12 5.62
C ALA A 273 5.72 -3.70 6.98
N ASN A 274 6.68 -4.19 7.76
CA ASN A 274 6.37 -4.76 9.08
C ASN A 274 6.40 -3.78 10.27
N LYS A 275 7.16 -2.70 10.16
CA LYS A 275 7.28 -1.74 11.25
C LYS A 275 6.70 -0.33 11.09
N SER A 276 6.43 0.10 9.86
CA SER A 276 5.94 1.45 9.59
C SER A 276 4.50 1.75 10.00
N GLY A 277 3.64 0.73 9.98
CA GLY A 277 2.24 0.94 10.29
C GLY A 277 1.40 0.91 9.01
N MET A 278 2.07 0.82 7.85
CA MET A 278 1.37 0.75 6.56
C MET A 278 1.93 -0.43 5.77
N SER A 279 1.23 -0.78 4.70
CA SER A 279 1.67 -1.90 3.86
C SER A 279 2.28 -1.34 2.57
N LEU A 280 2.59 -2.21 1.62
CA LEU A 280 3.25 -1.79 0.40
C LEU A 280 2.71 -2.33 -0.92
N LEU A 281 3.02 -1.62 -1.99
CA LEU A 281 2.69 -2.05 -3.34
C LEU A 281 3.63 -3.25 -3.45
N ASP A 282 3.10 -4.39 -3.82
CA ASP A 282 3.88 -5.58 -3.88
C ASP A 282 4.75 -5.75 -5.13
N PHE A 283 5.90 -5.10 -5.19
CA PHE A 283 6.77 -5.24 -6.37
C PHE A 283 7.38 -6.65 -6.58
N ARG A 284 7.58 -7.42 -5.51
CA ARG A 284 8.13 -8.77 -5.69
C ARG A 284 7.10 -9.57 -6.48
N PHE A 285 5.84 -9.51 -6.03
CA PHE A 285 4.73 -10.19 -6.69
C PHE A 285 4.71 -9.76 -8.17
N ASN A 286 4.78 -8.45 -8.42
CA ASN A 286 4.76 -7.94 -9.79
C ASN A 286 5.85 -8.55 -10.68
N SER A 287 7.11 -8.49 -10.23
CA SER A 287 8.24 -9.02 -10.99
C SER A 287 8.05 -10.48 -11.37
N ALA A 288 7.79 -11.32 -10.36
CA ALA A 288 7.59 -12.73 -10.60
C ALA A 288 6.49 -12.92 -11.63
N VAL A 289 5.38 -12.23 -11.45
CA VAL A 289 4.29 -12.35 -12.41
C VAL A 289 4.70 -12.00 -13.84
N ARG A 290 5.47 -10.92 -14.02
CA ARG A 290 5.89 -10.51 -15.36
C ARG A 290 6.94 -11.44 -15.96
N ASN A 291 7.86 -11.92 -15.13
CA ASN A 291 8.89 -12.84 -15.55
C ASN A 291 8.25 -14.08 -16.13
N VAL A 292 7.20 -14.55 -15.47
CA VAL A 292 6.50 -15.74 -15.93
C VAL A 292 5.51 -15.57 -17.09
N PHE A 293 4.59 -14.63 -16.95
CA PHE A 293 3.55 -14.40 -17.96
C PHE A 293 3.84 -13.48 -19.14
N ARG A 294 4.59 -12.41 -18.89
CA ARG A 294 4.93 -11.45 -19.92
C ARG A 294 6.26 -11.74 -20.64
N ASP A 295 7.34 -11.78 -19.89
CA ASP A 295 8.67 -11.94 -20.47
C ASP A 295 9.26 -13.35 -20.67
N ASN A 296 8.58 -14.39 -20.20
CA ASN A 296 9.06 -15.77 -20.33
C ASN A 296 10.49 -15.97 -19.84
N THR A 297 10.91 -15.22 -18.83
CA THR A 297 12.25 -15.34 -18.29
C THR A 297 12.26 -16.24 -17.04
N SER A 298 11.09 -16.72 -16.61
CA SER A 298 10.99 -17.61 -15.45
C SER A 298 9.89 -18.61 -15.72
N ASN A 299 9.84 -19.70 -14.95
CA ASN A 299 8.74 -20.65 -15.08
C ASN A 299 7.88 -20.66 -13.81
N MET A 300 6.83 -21.49 -13.80
CA MET A 300 5.92 -21.56 -12.65
C MET A 300 6.63 -21.69 -11.30
N TYR A 301 7.73 -22.45 -11.24
CA TYR A 301 8.43 -22.58 -9.95
C TYR A 301 8.82 -21.21 -9.35
N ALA A 302 9.19 -20.25 -10.19
CA ALA A 302 9.56 -18.90 -9.75
C ALA A 302 8.35 -18.25 -9.08
N LEU A 303 7.19 -18.47 -9.69
CA LEU A 303 5.95 -17.89 -9.20
C LEU A 303 5.55 -18.45 -7.83
N ASP A 304 5.62 -19.77 -7.69
CA ASP A 304 5.27 -20.44 -6.43
C ASP A 304 6.27 -20.05 -5.34
N SER A 305 7.54 -19.95 -5.71
CA SER A 305 8.60 -19.59 -4.78
C SER A 305 8.31 -18.23 -4.15
N MET A 306 7.95 -17.26 -4.99
CA MET A 306 7.65 -15.92 -4.54
C MET A 306 6.47 -15.93 -3.59
N ILE A 307 5.43 -16.71 -3.90
CA ILE A 307 4.24 -16.82 -3.05
C ILE A 307 4.68 -17.21 -1.64
N ASN A 308 5.50 -18.26 -1.56
CA ASN A 308 6.01 -18.74 -0.28
C ASN A 308 6.91 -17.74 0.38
N SER A 309 7.95 -17.30 -0.32
CA SER A 309 8.88 -16.34 0.22
C SER A 309 8.21 -15.07 0.78
N THR A 310 7.26 -14.50 0.05
CA THR A 310 6.58 -13.27 0.50
C THR A 310 5.75 -13.52 1.75
N ALA A 311 4.98 -14.61 1.74
CA ALA A 311 4.16 -15.01 2.89
C ALA A 311 5.03 -15.15 4.13
N THR A 312 6.30 -15.50 3.94
CA THR A 312 7.19 -15.68 5.06
C THR A 312 7.74 -14.35 5.55
N ASP A 313 8.08 -13.46 4.62
CA ASP A 313 8.67 -12.17 4.99
C ASP A 313 7.80 -11.09 5.59
N TYR A 314 6.58 -10.95 5.08
CA TYR A 314 5.66 -9.93 5.55
C TYR A 314 4.69 -10.48 6.59
N ASN A 315 4.52 -9.71 7.66
CA ASN A 315 3.64 -10.08 8.75
C ASN A 315 2.20 -10.24 8.28
N GLN A 316 1.71 -9.33 7.43
CA GLN A 316 0.37 -9.44 6.90
C GLN A 316 0.42 -9.35 5.36
N VAL A 317 0.69 -10.49 4.75
CA VAL A 317 0.76 -10.54 3.30
C VAL A 317 -0.56 -10.11 2.61
N ASN A 318 -1.72 -10.38 3.23
CA ASN A 318 -2.99 -9.98 2.66
C ASN A 318 -3.15 -8.47 2.51
N ASP A 319 -2.20 -7.69 3.05
CA ASP A 319 -2.29 -6.24 2.92
C ASP A 319 -1.40 -5.65 1.84
N GLN A 320 -0.68 -6.48 1.09
CA GLN A 320 0.19 -5.94 0.07
C GLN A 320 -0.61 -5.76 -1.20
N VAL A 321 -0.39 -4.65 -1.88
CA VAL A 321 -1.12 -4.38 -3.09
C VAL A 321 -0.47 -4.92 -4.37
N THR A 322 -1.16 -5.87 -5.01
CA THR A 322 -0.68 -6.53 -6.21
C THR A 322 -1.14 -5.88 -7.52
N PHE A 323 -0.37 -6.09 -8.58
CA PHE A 323 -0.65 -5.51 -9.90
C PHE A 323 0.24 -6.13 -10.96
N ILE A 324 -0.22 -6.15 -12.21
CA ILE A 324 0.57 -6.68 -13.31
C ILE A 324 1.41 -5.56 -13.97
N ASP A 325 1.00 -4.30 -13.75
CA ASP A 325 1.72 -3.13 -14.26
C ASP A 325 1.22 -1.81 -13.66
N ASN A 326 1.86 -0.70 -14.05
CA ASN A 326 1.44 0.63 -13.60
C ASN A 326 2.31 1.72 -14.18
N HIS A 327 2.15 2.93 -13.68
CA HIS A 327 2.87 4.10 -14.17
C HIS A 327 4.39 4.14 -14.06
N ASP A 328 5.00 3.19 -13.35
CA ASP A 328 6.46 3.18 -13.18
C ASP A 328 7.14 2.14 -14.04
N MET A 329 6.40 1.49 -14.91
CA MET A 329 6.99 0.46 -15.75
C MET A 329 6.29 0.37 -17.09
N ASP A 330 6.77 -0.52 -17.94
CA ASP A 330 6.14 -0.67 -19.24
C ASP A 330 4.81 -1.31 -19.09
N ARG A 331 3.89 -0.95 -19.98
CA ARG A 331 2.56 -1.54 -19.99
C ARG A 331 2.81 -3.03 -20.22
N PHE A 332 1.99 -3.86 -19.58
CA PHE A 332 2.11 -5.29 -19.66
C PHE A 332 2.03 -5.72 -21.12
N LYS A 333 1.14 -5.07 -21.85
CA LYS A 333 0.92 -5.39 -23.25
C LYS A 333 1.93 -4.77 -24.21
N THR A 334 2.50 -5.63 -25.04
CA THR A 334 3.45 -5.26 -26.07
C THR A 334 2.92 -6.00 -27.27
N SER A 335 3.40 -5.67 -28.46
CA SER A 335 2.96 -6.36 -29.67
C SER A 335 3.37 -7.84 -29.54
N ALA A 336 4.51 -8.07 -28.89
CA ALA A 336 5.05 -9.42 -28.69
C ALA A 336 4.44 -10.21 -27.54
N VAL A 337 3.50 -9.60 -26.82
CA VAL A 337 2.83 -10.25 -25.68
C VAL A 337 1.36 -10.45 -26.07
N ASN A 338 0.91 -11.70 -26.18
CA ASN A 338 -0.48 -11.93 -26.57
C ASN A 338 -1.53 -11.78 -25.49
N ASN A 339 -2.75 -11.49 -25.94
CA ASN A 339 -3.89 -11.25 -25.08
C ASN A 339 -4.10 -12.27 -24.02
N ARG A 340 -4.06 -13.54 -24.42
CA ARG A 340 -4.26 -14.59 -23.47
C ARG A 340 -3.33 -14.45 -22.25
N ARG A 341 -2.06 -14.06 -22.46
CA ARG A 341 -1.13 -13.90 -21.33
C ARG A 341 -1.52 -12.79 -20.31
N LEU A 342 -2.03 -11.68 -20.85
CA LEU A 342 -2.47 -10.53 -20.08
C LEU A 342 -3.64 -11.01 -19.23
N GLU A 343 -4.57 -11.69 -19.90
CA GLU A 343 -5.76 -12.23 -19.28
C GLU A 343 -5.39 -13.19 -18.15
N GLN A 344 -4.41 -14.05 -18.39
CA GLN A 344 -3.98 -14.99 -17.36
C GLN A 344 -3.39 -14.25 -16.15
N ALA A 345 -2.55 -13.25 -16.39
CA ALA A 345 -1.94 -12.49 -15.30
C ALA A 345 -3.04 -11.82 -14.47
N LEU A 346 -4.10 -11.33 -15.12
CA LEU A 346 -5.23 -10.72 -14.43
C LEU A 346 -5.88 -11.77 -13.53
N ALA A 347 -6.32 -12.88 -14.13
CA ALA A 347 -6.94 -13.96 -13.38
C ALA A 347 -6.10 -14.38 -12.19
N PHE A 348 -4.79 -14.51 -12.40
CA PHE A 348 -3.86 -14.89 -11.35
C PHE A 348 -3.92 -13.87 -10.20
N THR A 349 -3.78 -12.61 -10.55
CA THR A 349 -3.82 -11.54 -9.57
C THR A 349 -5.15 -11.51 -8.83
N LEU A 350 -6.24 -11.51 -9.59
CA LEU A 350 -7.57 -11.42 -9.03
C LEU A 350 -7.87 -12.48 -8.00
N THR A 351 -7.28 -13.66 -8.16
CA THR A 351 -7.50 -14.77 -7.24
C THR A 351 -6.40 -14.95 -6.19
N SER A 352 -5.23 -14.37 -6.42
CA SER A 352 -4.11 -14.46 -5.45
C SER A 352 -4.30 -13.58 -4.20
N ARG A 353 -3.41 -13.74 -3.23
CA ARG A 353 -3.47 -13.01 -1.98
C ARG A 353 -3.12 -11.54 -2.11
N GLY A 354 -3.58 -10.75 -1.15
CA GLY A 354 -3.30 -9.33 -1.13
C GLY A 354 -4.47 -8.53 -1.66
N VAL A 355 -4.21 -7.26 -1.96
CA VAL A 355 -5.22 -6.36 -2.51
C VAL A 355 -4.79 -6.05 -3.94
N PRO A 356 -5.57 -6.52 -4.93
CA PRO A 356 -5.29 -6.32 -6.35
C PRO A 356 -5.62 -4.91 -6.84
N ALA A 357 -4.82 -4.41 -7.78
CA ALA A 357 -5.06 -3.11 -8.38
C ALA A 357 -4.84 -3.24 -9.89
N ILE A 358 -5.76 -2.67 -10.68
CA ILE A 358 -5.66 -2.70 -12.13
C ILE A 358 -5.46 -1.28 -12.63
N TYR A 359 -4.35 -1.07 -13.32
CA TYR A 359 -3.99 0.20 -13.91
C TYR A 359 -4.99 0.44 -15.05
N TYR A 360 -5.62 1.61 -15.08
CA TYR A 360 -6.63 1.91 -16.10
C TYR A 360 -6.25 1.58 -17.56
N GLY A 361 -7.21 1.08 -18.32
CA GLY A 361 -6.93 0.77 -19.71
C GLY A 361 -6.46 -0.66 -19.88
N THR A 362 -6.16 -1.36 -18.79
CA THR A 362 -5.71 -2.75 -18.92
C THR A 362 -6.80 -3.57 -19.61
N GLU A 363 -8.06 -3.28 -19.27
CA GLU A 363 -9.20 -3.96 -19.86
C GLU A 363 -9.35 -3.65 -21.36
N GLN A 364 -8.73 -2.58 -21.83
CA GLN A 364 -8.77 -2.22 -23.26
C GLN A 364 -7.42 -2.57 -23.93
N TYR A 365 -6.61 -3.42 -23.28
CA TYR A 365 -5.30 -3.83 -23.80
C TYR A 365 -4.42 -2.69 -24.24
N LEU A 366 -4.41 -1.61 -23.48
CA LEU A 366 -3.62 -0.43 -23.79
C LEU A 366 -2.11 -0.69 -23.79
N THR A 367 -1.39 -0.14 -24.77
CA THR A 367 0.07 -0.31 -24.82
C THR A 367 0.77 0.98 -24.40
N GLY A 368 2.10 0.96 -24.41
CA GLY A 368 2.84 2.16 -24.03
C GLY A 368 4.03 1.82 -23.18
N ASN A 369 5.23 2.15 -23.66
CA ASN A 369 6.46 1.86 -22.92
C ASN A 369 7.11 3.09 -22.34
N GLY A 370 7.48 3.00 -21.07
CA GLY A 370 8.12 4.12 -20.40
C GLY A 370 7.21 5.29 -20.06
N ASP A 371 7.78 6.22 -19.32
CA ASP A 371 7.11 7.44 -18.91
C ASP A 371 7.43 8.41 -20.07
N PRO A 372 6.42 9.13 -20.62
CA PRO A 372 4.99 9.18 -20.30
C PRO A 372 4.13 8.25 -21.15
N ASP A 373 4.76 7.56 -22.07
CA ASP A 373 4.04 6.68 -22.98
C ASP A 373 3.11 5.63 -22.40
N ASN A 374 3.28 5.31 -21.11
CA ASN A 374 2.44 4.33 -20.44
C ASN A 374 1.26 4.99 -19.73
N ARG A 375 1.07 6.29 -19.98
CA ARG A 375 0.00 7.04 -19.34
C ARG A 375 -0.87 7.71 -20.40
N ALA A 376 -1.15 6.97 -21.46
CA ALA A 376 -1.95 7.45 -22.58
C ALA A 376 -3.42 7.57 -22.21
N LYS A 377 -4.16 8.36 -22.99
CA LYS A 377 -5.59 8.57 -22.73
C LYS A 377 -6.41 7.28 -22.83
N MET A 378 -7.43 7.18 -21.99
CA MET A 378 -8.30 6.00 -22.03
C MET A 378 -8.88 6.01 -23.45
N PRO A 379 -8.56 4.97 -24.26
CA PRO A 379 -9.01 4.81 -25.65
C PRO A 379 -10.48 4.46 -25.91
N SER A 380 -11.12 3.72 -25.03
CA SER A 380 -12.51 3.37 -25.29
C SER A 380 -13.18 2.82 -24.04
N PHE A 381 -14.49 2.77 -24.06
CA PHE A 381 -15.22 2.25 -22.92
C PHE A 381 -16.01 0.99 -23.27
N SER A 382 -15.54 0.27 -24.28
CA SER A 382 -16.17 -0.97 -24.72
C SER A 382 -16.20 -1.94 -23.56
N LYS A 383 -17.34 -2.58 -23.34
CA LYS A 383 -17.45 -3.54 -22.27
C LYS A 383 -17.32 -4.94 -22.85
N SER A 384 -16.94 -5.01 -24.12
CA SER A 384 -16.82 -6.27 -24.86
C SER A 384 -15.51 -7.05 -24.89
N THR A 385 -14.40 -6.54 -24.34
CA THR A 385 -13.18 -7.32 -24.46
C THR A 385 -13.15 -8.56 -23.58
N THR A 386 -12.30 -9.51 -23.95
CA THR A 386 -12.17 -10.73 -23.17
C THR A 386 -11.64 -10.38 -21.79
N ALA A 387 -10.68 -9.45 -21.73
CA ALA A 387 -10.12 -9.03 -20.43
C ALA A 387 -11.17 -8.33 -19.58
N PHE A 388 -11.99 -7.46 -20.20
CA PHE A 388 -13.06 -6.78 -19.46
C PHE A 388 -13.93 -7.87 -18.80
N ASN A 389 -14.22 -8.91 -19.58
CA ASN A 389 -15.02 -10.02 -19.10
C ASN A 389 -14.45 -10.73 -17.88
N VAL A 390 -13.19 -11.13 -17.96
CA VAL A 390 -12.54 -11.82 -16.86
C VAL A 390 -12.62 -11.02 -15.56
N ILE A 391 -12.32 -9.73 -15.64
CA ILE A 391 -12.37 -8.88 -14.46
C ILE A 391 -13.78 -8.89 -13.86
N SER A 392 -14.81 -8.75 -14.71
CA SER A 392 -16.17 -8.70 -14.15
C SER A 392 -16.61 -10.01 -13.52
N LYS A 393 -16.11 -11.13 -14.04
CA LYS A 393 -16.45 -12.44 -13.50
C LYS A 393 -15.63 -12.81 -12.25
N LEU A 394 -14.35 -12.51 -12.25
CA LEU A 394 -13.52 -12.87 -11.10
C LEU A 394 -13.54 -11.91 -9.93
N ALA A 395 -13.60 -10.62 -10.22
CA ALA A 395 -13.61 -9.59 -9.18
C ALA A 395 -14.61 -9.83 -8.04
N PRO A 396 -15.90 -10.02 -8.36
CA PRO A 396 -16.94 -10.26 -7.34
C PRO A 396 -16.62 -11.37 -6.36
N LEU A 397 -15.82 -12.36 -6.77
CA LEU A 397 -15.44 -13.46 -5.88
C LEU A 397 -14.74 -12.96 -4.64
N ARG A 398 -14.04 -11.83 -4.75
CA ARG A 398 -13.33 -11.29 -3.60
C ARG A 398 -14.28 -10.92 -2.48
N LYS A 399 -15.54 -10.66 -2.86
CA LYS A 399 -16.57 -10.34 -1.89
C LYS A 399 -17.41 -11.55 -1.51
N SER A 400 -17.77 -12.38 -2.48
CA SER A 400 -18.58 -13.56 -2.24
C SER A 400 -17.87 -14.74 -1.59
N ASN A 401 -16.59 -14.95 -1.89
CA ASN A 401 -15.83 -16.06 -1.32
C ASN A 401 -14.73 -15.58 -0.34
N PRO A 402 -14.87 -15.92 0.94
CA PRO A 402 -13.85 -15.48 1.89
C PRO A 402 -12.49 -16.20 1.74
N ALA A 403 -12.48 -17.35 1.05
CA ALA A 403 -11.20 -18.05 0.81
C ALA A 403 -10.30 -17.15 -0.03
N ILE A 404 -10.89 -16.39 -0.95
CA ILE A 404 -10.11 -15.51 -1.82
C ILE A 404 -9.58 -14.28 -1.10
N ALA A 405 -10.42 -13.61 -0.34
CA ALA A 405 -10.02 -12.42 0.38
C ALA A 405 -9.12 -12.67 1.58
N TYR A 406 -9.44 -13.71 2.36
CA TYR A 406 -8.65 -13.98 3.56
C TYR A 406 -7.78 -15.22 3.57
N GLY A 407 -7.97 -16.10 2.58
CA GLY A 407 -7.26 -17.38 2.54
C GLY A 407 -5.76 -17.49 2.40
N SER A 408 -5.23 -18.67 2.70
CA SER A 408 -3.81 -18.97 2.58
C SER A 408 -3.67 -19.54 1.15
N THR A 409 -2.46 -19.93 0.78
CA THR A 409 -2.22 -20.47 -0.56
C THR A 409 -1.40 -21.76 -0.49
N GLN A 410 -1.88 -22.82 -1.13
CA GLN A 410 -1.13 -24.07 -1.15
C GLN A 410 -1.01 -24.57 -2.59
N GLN A 411 0.20 -24.90 -3.02
CA GLN A 411 0.45 -25.38 -4.37
C GLN A 411 -0.06 -26.81 -4.47
N ARG A 412 -1.02 -27.07 -5.36
CA ARG A 412 -1.56 -28.43 -5.50
C ARG A 412 -0.94 -29.24 -6.65
N TRP A 413 -0.44 -28.55 -7.67
CA TRP A 413 0.17 -29.26 -8.81
C TRP A 413 0.99 -28.20 -9.52
N ILE A 414 2.14 -28.59 -10.04
CA ILE A 414 2.99 -27.63 -10.74
C ILE A 414 4.07 -28.29 -11.63
N ASN A 415 4.57 -27.52 -12.57
CA ASN A 415 5.66 -27.90 -13.49
C ASN A 415 6.01 -26.62 -14.23
N ASN A 416 6.93 -26.68 -15.18
CA ASN A 416 7.36 -25.46 -15.87
C ASN A 416 6.26 -24.53 -16.39
N ASP A 417 5.20 -25.09 -16.98
CA ASP A 417 4.12 -24.28 -17.54
C ASP A 417 2.76 -24.33 -16.88
N VAL A 418 2.54 -25.32 -16.02
CA VAL A 418 1.27 -25.44 -15.34
C VAL A 418 1.40 -25.15 -13.84
N TYR A 419 0.41 -24.43 -13.30
CA TYR A 419 0.39 -24.08 -11.90
C TYR A 419 -1.03 -24.23 -11.40
N VAL A 420 -1.21 -24.97 -10.32
CA VAL A 420 -2.54 -25.19 -9.74
C VAL A 420 -2.40 -24.97 -8.24
N TYR A 421 -2.98 -23.87 -7.77
CA TYR A 421 -2.89 -23.53 -6.37
C TYR A 421 -4.26 -23.48 -5.73
N GLU A 422 -4.27 -23.56 -4.41
CA GLU A 422 -5.51 -23.56 -3.66
C GLU A 422 -5.56 -22.48 -2.59
N ARG A 423 -6.68 -21.77 -2.55
CA ARG A 423 -6.94 -20.72 -1.57
C ARG A 423 -7.94 -21.37 -0.62
N LYS A 424 -7.69 -21.24 0.68
CA LYS A 424 -8.58 -21.86 1.66
C LYS A 424 -8.73 -20.98 2.88
N PHE A 425 -9.96 -20.97 3.40
CA PHE A 425 -10.29 -20.19 4.59
C PHE A 425 -11.48 -20.89 5.22
N GLY A 426 -11.27 -21.50 6.38
CA GLY A 426 -12.35 -22.21 7.03
C GLY A 426 -12.79 -23.32 6.11
N LYS A 427 -14.10 -23.42 5.89
CA LYS A 427 -14.63 -24.45 5.02
C LYS A 427 -14.67 -23.99 3.55
N SER A 428 -14.49 -22.69 3.30
CA SER A 428 -14.49 -22.13 1.94
C SER A 428 -13.16 -22.38 1.23
N VAL A 429 -13.24 -22.95 0.02
CA VAL A 429 -12.04 -23.26 -0.75
C VAL A 429 -12.18 -22.67 -2.14
N ALA A 430 -11.05 -22.45 -2.81
CA ALA A 430 -10.99 -21.93 -4.18
C ALA A 430 -9.78 -22.58 -4.84
N VAL A 431 -9.97 -23.13 -6.03
CA VAL A 431 -8.86 -23.78 -6.73
C VAL A 431 -8.74 -23.15 -8.10
N VAL A 432 -7.53 -22.73 -8.42
CA VAL A 432 -7.24 -22.08 -9.70
C VAL A 432 -6.13 -22.85 -10.44
N ALA A 433 -6.38 -23.17 -11.71
CA ALA A 433 -5.44 -23.90 -12.53
C ALA A 433 -5.10 -23.07 -13.77
N VAL A 434 -3.81 -22.87 -14.00
CA VAL A 434 -3.35 -22.08 -15.13
C VAL A 434 -2.33 -22.84 -15.98
N ASN A 435 -2.46 -22.75 -17.30
CA ASN A 435 -1.51 -23.36 -18.25
C ASN A 435 -0.98 -22.21 -19.13
N ARG A 436 0.20 -21.69 -18.83
CA ARG A 436 0.70 -20.58 -19.66
C ARG A 436 1.11 -20.99 -21.07
N ASN A 437 1.26 -22.29 -21.31
CA ASN A 437 1.69 -22.73 -22.65
C ASN A 437 0.58 -22.45 -23.65
N LEU A 438 0.93 -21.76 -24.72
CA LEU A 438 -0.05 -21.39 -25.72
C LEU A 438 -0.37 -22.40 -26.79
N SER A 439 0.48 -23.40 -26.97
CA SER A 439 0.26 -24.37 -28.02
C SER A 439 -0.12 -25.77 -27.58
N THR A 440 0.29 -26.18 -26.37
CA THR A 440 0.00 -27.53 -25.93
C THR A 440 -0.80 -27.66 -24.64
N SER A 441 -1.70 -28.63 -24.64
CA SER A 441 -2.53 -28.89 -23.47
C SER A 441 -1.74 -29.75 -22.49
N ALA A 442 -2.31 -29.94 -21.30
CA ALA A 442 -1.65 -30.73 -20.25
C ALA A 442 -2.58 -31.73 -19.60
N SER A 443 -2.17 -33.00 -19.52
CA SER A 443 -3.01 -33.99 -18.85
C SER A 443 -2.67 -33.96 -17.36
N ILE A 444 -3.66 -33.62 -16.53
CA ILE A 444 -3.44 -33.56 -15.08
C ILE A 444 -3.93 -34.86 -14.44
N THR A 445 -3.10 -35.43 -13.58
CA THR A 445 -3.44 -36.69 -12.92
C THR A 445 -2.96 -36.63 -11.48
N GLY A 446 -3.80 -37.10 -10.55
CA GLY A 446 -3.43 -37.13 -9.15
C GLY A 446 -3.62 -35.82 -8.41
N LEU A 447 -4.41 -34.94 -8.98
CA LEU A 447 -4.67 -33.67 -8.34
C LEU A 447 -5.61 -33.85 -7.12
N SER A 448 -5.23 -33.25 -5.99
CA SER A 448 -6.04 -33.31 -4.76
C SER A 448 -6.32 -31.87 -4.35
N THR A 449 -7.51 -31.64 -3.83
CA THR A 449 -7.89 -30.33 -3.38
C THR A 449 -8.67 -30.57 -2.11
N SER A 450 -9.19 -29.50 -1.52
CA SER A 450 -10.00 -29.61 -0.33
C SER A 450 -11.46 -29.46 -0.77
N LEU A 451 -11.69 -29.45 -2.07
CA LEU A 451 -13.04 -29.32 -2.58
C LEU A 451 -13.82 -30.56 -2.19
N PRO A 452 -14.98 -30.38 -1.54
CA PRO A 452 -15.76 -31.54 -1.13
C PRO A 452 -16.25 -32.27 -2.37
N THR A 453 -16.81 -33.46 -2.16
CA THR A 453 -17.32 -34.25 -3.27
C THR A 453 -18.43 -33.51 -4.01
N GLY A 454 -18.36 -33.52 -5.34
CA GLY A 454 -19.37 -32.86 -6.14
C GLY A 454 -18.76 -32.58 -7.49
N SER A 455 -19.54 -31.97 -8.38
CA SER A 455 -19.02 -31.63 -9.69
C SER A 455 -18.97 -30.09 -9.76
N TYR A 456 -17.82 -29.56 -10.19
CA TYR A 456 -17.62 -28.12 -10.23
C TYR A 456 -17.49 -27.50 -11.62
N THR A 457 -18.12 -26.35 -11.77
CA THR A 457 -18.10 -25.60 -13.02
C THR A 457 -17.05 -24.51 -12.95
N ASP A 458 -16.45 -24.22 -14.10
CA ASP A 458 -15.43 -23.18 -14.21
C ASP A 458 -16.15 -21.87 -13.97
N VAL A 459 -15.74 -21.16 -12.94
CA VAL A 459 -16.33 -19.88 -12.57
C VAL A 459 -16.30 -18.91 -13.74
N LEU A 460 -15.33 -19.11 -14.63
CA LEU A 460 -15.17 -18.25 -15.80
C LEU A 460 -16.08 -18.61 -16.95
N GLY A 461 -16.88 -19.66 -16.80
CA GLY A 461 -17.76 -20.08 -17.88
C GLY A 461 -17.04 -20.47 -19.16
N GLY A 462 -15.80 -20.94 -19.03
CA GLY A 462 -15.02 -21.35 -20.18
C GLY A 462 -14.45 -20.25 -21.07
N VAL A 463 -14.58 -18.98 -20.68
CA VAL A 463 -14.04 -17.93 -21.57
C VAL A 463 -12.53 -17.93 -21.77
N LEU A 464 -11.78 -18.61 -20.89
CA LEU A 464 -10.32 -18.75 -21.01
C LEU A 464 -10.08 -20.25 -21.12
N ASN A 465 -10.93 -20.90 -21.91
CA ASN A 465 -10.88 -22.34 -22.17
C ASN A 465 -10.81 -23.24 -20.93
N GLY A 466 -11.51 -22.84 -19.88
CA GLY A 466 -11.54 -23.62 -18.66
C GLY A 466 -12.52 -24.78 -18.80
N ASN A 467 -12.43 -25.73 -17.88
CA ASN A 467 -13.29 -26.90 -17.90
C ASN A 467 -13.92 -27.16 -16.55
N ASN A 468 -14.70 -28.23 -16.45
CA ASN A 468 -15.33 -28.58 -15.21
C ASN A 468 -14.65 -29.79 -14.66
N ILE A 469 -14.74 -29.96 -13.35
CA ILE A 469 -14.10 -31.09 -12.71
C ILE A 469 -15.09 -31.79 -11.81
N THR A 470 -14.68 -32.95 -11.30
CA THR A 470 -15.48 -33.74 -10.40
C THR A 470 -14.57 -34.14 -9.26
N SER A 471 -15.00 -33.85 -8.05
CA SER A 471 -14.22 -34.17 -6.87
C SER A 471 -14.84 -35.34 -6.16
N THR A 472 -13.99 -36.19 -5.63
CA THR A 472 -14.42 -37.35 -4.86
C THR A 472 -13.56 -37.26 -3.61
N ASN A 473 -14.01 -36.42 -2.68
CA ASN A 473 -13.32 -36.17 -1.42
C ASN A 473 -11.96 -35.54 -1.63
N GLY A 474 -11.92 -34.52 -2.50
CA GLY A 474 -10.67 -33.86 -2.79
C GLY A 474 -9.98 -34.40 -4.03
N SER A 475 -10.01 -35.71 -4.23
CA SER A 475 -9.38 -36.31 -5.40
C SER A 475 -10.15 -35.95 -6.65
N ILE A 476 -9.54 -35.10 -7.45
CA ILE A 476 -10.14 -34.64 -8.68
C ILE A 476 -9.89 -35.69 -9.75
N ASN A 477 -10.89 -35.99 -10.56
CA ASN A 477 -10.75 -36.97 -11.64
C ASN A 477 -9.85 -36.39 -12.72
N ASN A 478 -9.09 -37.24 -13.39
CA ASN A 478 -8.18 -36.80 -14.47
C ASN A 478 -8.90 -35.98 -15.52
N PHE A 479 -8.22 -34.94 -16.00
CA PHE A 479 -8.79 -34.08 -17.03
C PHE A 479 -7.66 -33.47 -17.81
N THR A 480 -8.01 -32.71 -18.84
CA THR A 480 -7.02 -32.08 -19.67
C THR A 480 -7.19 -30.57 -19.59
N LEU A 481 -6.10 -29.88 -19.31
CA LEU A 481 -6.10 -28.44 -19.21
C LEU A 481 -5.61 -27.96 -20.60
N ALA A 482 -6.53 -27.44 -21.38
CA ALA A 482 -6.24 -26.97 -22.73
C ALA A 482 -5.11 -25.94 -22.79
N ALA A 483 -4.59 -25.68 -23.99
CA ALA A 483 -3.52 -24.69 -24.13
C ALA A 483 -4.02 -23.32 -23.69
N GLY A 484 -3.15 -22.56 -23.02
CA GLY A 484 -3.49 -21.22 -22.54
C GLY A 484 -4.77 -21.13 -21.70
N ALA A 485 -5.12 -22.25 -21.10
CA ALA A 485 -6.33 -22.33 -20.33
C ALA A 485 -6.10 -21.88 -18.90
N THR A 486 -7.21 -21.50 -18.28
CA THR A 486 -7.24 -21.09 -16.89
C THR A 486 -8.70 -21.22 -16.42
N ALA A 487 -8.86 -21.85 -15.27
CA ALA A 487 -10.16 -22.12 -14.70
C ALA A 487 -10.15 -21.94 -13.20
N VAL A 488 -11.32 -21.61 -12.68
CA VAL A 488 -11.51 -21.41 -11.25
C VAL A 488 -12.72 -22.23 -10.76
N TRP A 489 -12.48 -23.09 -9.78
CA TRP A 489 -13.55 -23.89 -9.19
C TRP A 489 -13.54 -23.49 -7.73
N GLN A 490 -14.72 -23.39 -7.13
CA GLN A 490 -14.77 -22.97 -5.75
C GLN A 490 -15.95 -23.54 -5.00
N TYR A 491 -15.81 -23.55 -3.68
CA TYR A 491 -16.84 -24.05 -2.79
C TYR A 491 -16.96 -23.10 -1.59
N THR A 492 -18.15 -22.57 -1.39
CA THR A 492 -18.45 -21.65 -0.30
C THR A 492 -19.56 -22.20 0.60
N THR A 493 -19.40 -22.01 1.90
CA THR A 493 -20.39 -22.47 2.86
C THR A 493 -20.30 -21.52 4.04
N ALA A 494 -21.34 -21.51 4.86
CA ALA A 494 -21.35 -20.65 6.03
C ALA A 494 -20.42 -21.18 7.10
N GLU A 495 -19.62 -20.28 7.66
CA GLU A 495 -18.69 -20.64 8.72
C GLU A 495 -19.49 -20.70 10.00
N THR A 496 -19.22 -21.72 10.81
CA THR A 496 -19.95 -21.92 12.04
C THR A 496 -19.22 -21.45 13.31
N THR A 497 -17.89 -21.46 13.25
CA THR A 497 -17.07 -21.06 14.39
C THR A 497 -16.32 -19.76 14.12
N PRO A 498 -15.97 -19.03 15.18
CA PRO A 498 -15.25 -17.77 15.00
C PRO A 498 -13.91 -18.01 14.31
N THR A 499 -13.67 -17.28 13.24
CA THR A 499 -12.41 -17.42 12.50
C THR A 499 -12.08 -16.06 11.85
N ILE A 500 -11.04 -15.41 12.40
CA ILE A 500 -10.55 -14.08 11.97
C ILE A 500 -9.86 -14.08 10.60
N GLY A 501 -10.28 -13.16 9.73
CA GLY A 501 -9.68 -13.06 8.41
C GLY A 501 -8.77 -11.84 8.24
N HIS A 502 -9.07 -10.77 8.94
CA HIS A 502 -8.26 -9.55 8.80
C HIS A 502 -8.49 -8.66 10.01
N VAL A 503 -7.52 -7.80 10.28
CA VAL A 503 -7.58 -6.87 11.39
C VAL A 503 -6.96 -5.58 10.83
N GLY A 504 -7.67 -4.46 10.94
CA GLY A 504 -7.13 -3.22 10.42
C GLY A 504 -7.51 -2.00 11.24
N PRO A 505 -6.54 -1.12 11.58
CA PRO A 505 -5.14 -1.25 11.23
C PRO A 505 -4.45 -2.20 12.21
N VAL A 506 -3.15 -2.45 12.04
CA VAL A 506 -2.46 -3.36 12.96
C VAL A 506 -1.53 -2.63 13.93
N MET A 507 -1.83 -1.37 14.18
CA MET A 507 -1.01 -0.55 15.07
C MET A 507 -1.92 0.50 15.68
N GLY A 508 -1.70 0.82 16.95
CA GLY A 508 -2.52 1.83 17.62
C GLY A 508 -2.20 2.05 19.09
N LYS A 509 -2.79 3.09 19.68
CA LYS A 509 -2.58 3.38 21.09
C LYS A 509 -3.86 3.00 21.83
N PRO A 510 -3.77 2.74 23.15
CA PRO A 510 -5.00 2.37 23.86
C PRO A 510 -5.98 3.49 23.59
N GLY A 511 -7.23 3.12 23.31
CA GLY A 511 -8.24 4.12 23.05
C GLY A 511 -8.71 4.16 21.62
N ASN A 512 -7.90 3.69 20.68
CA ASN A 512 -8.29 3.67 19.28
C ASN A 512 -9.30 2.55 19.00
N VAL A 513 -9.84 2.55 17.79
CA VAL A 513 -10.79 1.52 17.38
C VAL A 513 -10.23 0.78 16.19
N VAL A 514 -10.20 -0.55 16.25
CA VAL A 514 -9.71 -1.38 15.15
C VAL A 514 -10.86 -2.22 14.59
N THR A 515 -10.66 -2.79 13.40
CA THR A 515 -11.69 -3.61 12.77
C THR A 515 -11.26 -5.07 12.56
N ILE A 516 -12.08 -5.99 13.05
CA ILE A 516 -11.81 -7.42 12.95
C ILE A 516 -12.80 -8.08 11.99
N ASP A 517 -12.34 -8.39 10.77
CA ASP A 517 -13.16 -8.99 9.73
C ASP A 517 -12.97 -10.50 9.69
N GLY A 518 -14.05 -11.26 9.56
CA GLY A 518 -13.95 -12.70 9.53
C GLY A 518 -15.28 -13.39 9.29
N ARG A 519 -15.44 -14.58 9.85
CA ARG A 519 -16.68 -15.35 9.68
C ARG A 519 -16.97 -16.12 10.98
N GLY A 520 -18.23 -16.47 11.17
CA GLY A 520 -18.63 -17.23 12.34
C GLY A 520 -18.53 -16.56 13.69
N PHE A 521 -18.62 -15.24 13.72
CA PHE A 521 -18.52 -14.54 15.00
C PHE A 521 -19.84 -14.63 15.72
N GLY A 522 -20.91 -14.85 14.95
CA GLY A 522 -22.23 -14.91 15.55
C GLY A 522 -22.65 -13.49 15.91
N SER A 523 -23.94 -13.29 16.17
CA SER A 523 -24.48 -11.97 16.50
C SER A 523 -24.51 -11.64 17.99
N THR A 524 -24.03 -12.55 18.83
CA THR A 524 -24.00 -12.33 20.26
C THR A 524 -22.64 -11.81 20.70
N LYS A 525 -22.63 -10.55 21.18
CA LYS A 525 -21.40 -9.91 21.64
C LYS A 525 -20.64 -10.80 22.62
N GLY A 526 -19.50 -11.30 22.15
CA GLY A 526 -18.66 -12.16 22.96
C GLY A 526 -17.53 -11.39 23.61
N THR A 527 -16.32 -11.93 23.50
CA THR A 527 -15.14 -11.30 24.08
C THR A 527 -13.96 -11.28 23.10
N VAL A 528 -13.16 -10.21 23.17
CA VAL A 528 -12.00 -10.01 22.29
C VAL A 528 -10.72 -10.13 23.12
N TYR A 529 -9.67 -10.69 22.55
CA TYR A 529 -8.43 -10.85 23.30
C TYR A 529 -7.20 -10.23 22.69
N PHE A 530 -6.50 -9.45 23.48
CA PHE A 530 -5.24 -8.84 23.07
C PHE A 530 -4.25 -9.53 23.97
N GLY A 531 -3.76 -10.66 23.49
CA GLY A 531 -2.84 -11.47 24.27
C GLY A 531 -3.73 -12.16 25.29
N THR A 532 -3.54 -11.81 26.56
CA THR A 532 -4.29 -12.38 27.67
C THR A 532 -5.47 -11.51 28.10
N THR A 533 -5.42 -10.23 27.80
CA THR A 533 -6.48 -9.33 28.20
C THR A 533 -7.80 -9.55 27.48
N ALA A 534 -8.86 -9.72 28.25
CA ALA A 534 -10.19 -9.91 27.69
C ALA A 534 -10.76 -8.51 27.56
N VAL A 535 -11.46 -8.27 26.47
CA VAL A 535 -12.09 -6.98 26.20
C VAL A 535 -13.56 -7.27 25.96
N THR A 536 -14.42 -6.76 26.84
CA THR A 536 -15.87 -7.00 26.73
C THR A 536 -16.80 -5.81 26.89
N GLY A 537 -18.07 -6.05 26.60
CA GLY A 537 -19.08 -5.03 26.77
C GLY A 537 -18.99 -3.79 25.92
N ALA A 538 -19.03 -2.64 26.59
CA ALA A 538 -19.00 -1.34 25.92
C ALA A 538 -17.73 -1.07 25.11
N ALA A 539 -16.62 -1.70 25.53
CA ALA A 539 -15.33 -1.54 24.84
C ALA A 539 -15.43 -2.09 23.41
N ILE A 540 -16.37 -2.99 23.19
CA ILE A 540 -16.63 -3.58 21.89
C ILE A 540 -17.78 -2.76 21.31
N THR A 541 -17.43 -1.71 20.56
CA THR A 541 -18.40 -0.81 19.93
C THR A 541 -19.36 -1.45 18.94
N SER A 542 -18.98 -2.58 18.36
CA SER A 542 -19.86 -3.27 17.41
C SER A 542 -19.50 -4.75 17.27
N TRP A 543 -20.51 -5.59 17.05
CA TRP A 543 -20.31 -7.02 16.90
C TRP A 543 -21.32 -7.65 15.95
N GLU A 544 -20.82 -8.33 14.92
CA GLU A 544 -21.64 -9.01 13.93
C GLU A 544 -20.94 -10.30 13.52
N ASP A 545 -21.68 -11.14 12.80
CA ASP A 545 -21.14 -12.42 12.38
C ASP A 545 -19.86 -12.32 11.55
N THR A 546 -19.70 -11.21 10.83
CA THR A 546 -18.54 -11.03 9.96
C THR A 546 -17.58 -9.87 10.27
N GLN A 547 -17.87 -9.07 11.30
CA GLN A 547 -17.03 -7.92 11.63
C GLN A 547 -17.24 -7.43 13.05
N ILE A 548 -16.14 -7.15 13.73
CA ILE A 548 -16.19 -6.65 15.09
C ILE A 548 -15.36 -5.36 15.19
N LYS A 549 -15.94 -4.30 15.75
CA LYS A 549 -15.21 -3.06 15.97
C LYS A 549 -14.92 -3.01 17.48
N VAL A 550 -13.66 -2.91 17.85
CA VAL A 550 -13.28 -2.95 19.25
C VAL A 550 -12.26 -1.88 19.62
N THR A 551 -12.17 -1.58 20.92
CA THR A 551 -11.26 -0.56 21.41
C THR A 551 -10.04 -1.13 22.09
N ILE A 552 -8.87 -0.63 21.68
CA ILE A 552 -7.60 -1.06 22.24
C ILE A 552 -7.55 -0.79 23.74
N PRO A 553 -7.45 -1.86 24.54
CA PRO A 553 -7.40 -1.73 26.01
C PRO A 553 -6.15 -0.99 26.48
N SER A 554 -6.11 -0.61 27.74
CA SER A 554 -4.94 0.11 28.25
C SER A 554 -3.91 -0.85 28.81
N VAL A 555 -3.28 -1.64 27.95
CA VAL A 555 -2.28 -2.59 28.41
C VAL A 555 -0.89 -2.10 28.02
N ALA A 556 0.14 -2.77 28.52
CA ALA A 556 1.53 -2.39 28.21
C ALA A 556 1.77 -2.32 26.70
N ALA A 557 2.55 -1.33 26.26
CA ALA A 557 2.83 -1.23 24.83
C ALA A 557 3.62 -2.48 24.43
N GLY A 558 3.34 -3.02 23.23
CA GLY A 558 4.06 -4.20 22.80
C GLY A 558 3.43 -4.91 21.62
N ASN A 559 3.93 -6.11 21.35
CA ASN A 559 3.45 -6.93 20.24
C ASN A 559 2.47 -7.95 20.76
N TYR A 560 1.27 -7.98 20.20
CA TYR A 560 0.26 -8.90 20.67
C TYR A 560 -0.33 -9.75 19.59
N ALA A 561 -1.17 -10.70 20.00
CA ALA A 561 -1.87 -11.58 19.10
C ALA A 561 -3.35 -11.33 19.44
N VAL A 562 -4.23 -11.38 18.46
CA VAL A 562 -5.63 -11.10 18.69
C VAL A 562 -6.51 -12.32 18.45
N LYS A 563 -7.41 -12.60 19.39
CA LYS A 563 -8.33 -13.73 19.30
C LYS A 563 -9.74 -13.27 19.59
N VAL A 564 -10.71 -13.89 18.95
CA VAL A 564 -12.10 -13.57 19.19
C VAL A 564 -12.68 -14.83 19.82
N ALA A 565 -13.44 -14.67 20.90
CA ALA A 565 -14.04 -15.82 21.56
C ALA A 565 -15.54 -15.67 21.50
N ALA A 566 -16.18 -16.48 20.65
CA ALA A 566 -17.63 -16.44 20.47
C ALA A 566 -18.30 -17.72 20.96
N SER A 567 -19.08 -17.59 22.04
CA SER A 567 -19.80 -18.71 22.65
C SER A 567 -18.83 -19.76 23.22
N GLY A 568 -17.86 -19.30 24.00
CA GLY A 568 -16.91 -20.22 24.59
C GLY A 568 -15.92 -20.84 23.61
N VAL A 569 -16.13 -20.63 22.31
CA VAL A 569 -15.23 -21.16 21.29
C VAL A 569 -14.16 -20.11 20.94
N ASN A 570 -12.91 -20.54 20.89
CA ASN A 570 -11.80 -19.65 20.56
C ASN A 570 -11.45 -19.71 19.07
N SER A 571 -11.17 -18.55 18.49
CA SER A 571 -10.80 -18.49 17.08
C SER A 571 -9.31 -18.57 16.91
N ASN A 572 -8.87 -18.55 15.66
CA ASN A 572 -7.46 -18.56 15.33
C ASN A 572 -6.88 -17.22 15.81
N ALA A 573 -5.58 -17.17 16.02
CA ALA A 573 -4.92 -15.95 16.48
C ALA A 573 -4.33 -15.16 15.32
N TYR A 574 -4.56 -13.86 15.31
CA TYR A 574 -4.01 -13.02 14.25
C TYR A 574 -2.81 -12.39 14.93
N ASN A 575 -1.61 -12.71 14.44
CA ASN A 575 -0.38 -12.21 15.06
C ASN A 575 0.15 -10.85 14.66
N ASN A 576 1.12 -10.41 15.45
CA ASN A 576 1.82 -9.15 15.28
C ASN A 576 0.98 -7.88 15.26
N PHE A 577 0.21 -7.67 16.31
CA PHE A 577 -0.58 -6.46 16.41
C PHE A 577 0.22 -5.55 17.36
N THR A 578 0.53 -4.34 16.92
CA THR A 578 1.31 -3.44 17.76
C THR A 578 0.44 -2.48 18.61
N ILE A 579 0.72 -2.45 19.90
CA ILE A 579 0.04 -1.54 20.81
C ILE A 579 1.12 -0.59 21.24
N LEU A 580 0.89 0.68 20.98
CA LEU A 580 1.82 1.74 21.34
C LEU A 580 1.57 2.20 22.76
N THR A 581 2.46 3.05 23.22
CA THR A 581 2.41 3.60 24.56
C THR A 581 1.38 4.71 24.66
N GLY A 582 1.17 5.44 23.58
CA GLY A 582 0.23 6.53 23.59
C GLY A 582 0.53 7.33 22.34
N ASP A 583 0.19 8.62 22.34
CA ASP A 583 0.47 9.43 21.16
C ASP A 583 1.94 9.44 20.80
N GLN A 584 2.23 9.70 19.54
CA GLN A 584 3.61 9.68 19.07
C GLN A 584 4.13 11.00 18.60
N VAL A 585 5.44 11.14 18.69
CA VAL A 585 6.14 12.34 18.24
C VAL A 585 7.45 11.82 17.67
N THR A 586 7.99 12.50 16.67
CA THR A 586 9.25 12.06 16.12
C THR A 586 10.41 12.79 16.78
N VAL A 587 11.43 12.05 17.19
CA VAL A 587 12.62 12.62 17.82
C VAL A 587 13.85 12.09 17.08
N ARG A 588 14.83 12.96 16.88
CA ARG A 588 16.05 12.61 16.21
C ARG A 588 17.15 12.50 17.25
N PHE A 589 17.57 11.26 17.48
CA PHE A 589 18.64 10.97 18.40
C PHE A 589 19.94 11.16 17.68
N VAL A 590 20.86 11.85 18.33
CA VAL A 590 22.17 12.12 17.77
C VAL A 590 23.20 11.73 18.83
N VAL A 591 24.24 11.00 18.42
CA VAL A 591 25.30 10.61 19.33
C VAL A 591 26.67 10.92 18.73
N ASN A 592 27.48 11.60 19.51
CA ASN A 592 28.81 11.97 19.06
C ASN A 592 29.90 11.04 19.56
N ASN A 593 30.94 10.92 18.75
CA ASN A 593 32.11 10.11 19.09
C ASN A 593 31.90 8.63 19.17
N ALA A 594 31.05 8.10 18.31
CA ALA A 594 30.81 6.68 18.32
C ALA A 594 31.61 6.03 17.20
N SER A 595 32.94 6.01 17.35
CA SER A 595 33.78 5.38 16.35
C SER A 595 33.53 3.87 16.40
N THR A 596 33.72 3.20 15.28
CA THR A 596 33.46 1.78 15.21
C THR A 596 34.52 0.97 14.48
N THR A 597 34.25 -0.33 14.42
CA THR A 597 35.10 -1.29 13.78
C THR A 597 34.52 -1.61 12.40
N LEU A 598 35.38 -2.01 11.47
CA LEU A 598 34.91 -2.36 10.13
C LEU A 598 33.76 -3.37 10.27
N GLY A 599 32.60 -3.02 9.70
CA GLY A 599 31.42 -3.88 9.76
C GLY A 599 30.60 -3.85 11.05
N GLN A 600 30.95 -2.94 11.94
CA GLN A 600 30.26 -2.82 13.22
C GLN A 600 29.24 -1.67 13.10
N ASN A 601 27.98 -1.91 13.41
CA ASN A 601 26.97 -0.84 13.35
C ASN A 601 26.49 -0.37 14.70
N LEU A 602 25.91 0.83 14.74
CA LEU A 602 25.43 1.42 15.98
C LEU A 602 23.90 1.37 16.03
N TYR A 603 23.37 0.92 17.15
CA TYR A 603 21.92 0.81 17.34
C TYR A 603 21.48 1.56 18.59
N LEU A 604 20.18 1.61 18.83
CA LEU A 604 19.64 2.32 19.98
C LEU A 604 18.47 1.58 20.61
N THR A 605 18.44 1.53 21.94
CA THR A 605 17.34 0.86 22.63
C THR A 605 17.09 1.59 23.95
N GLY A 606 15.85 1.52 24.44
CA GLY A 606 15.50 2.22 25.66
C GLY A 606 14.36 1.62 26.45
N ASN A 607 13.84 2.36 27.42
CA ASN A 607 12.80 1.81 28.29
C ASN A 607 11.34 1.82 27.87
N VAL A 608 11.07 1.85 26.58
CA VAL A 608 9.69 1.82 26.09
C VAL A 608 9.62 0.86 24.92
N ALA A 609 8.42 0.34 24.67
CA ALA A 609 8.28 -0.61 23.58
C ALA A 609 8.77 -0.01 22.28
N GLU A 610 8.45 1.27 22.04
CA GLU A 610 8.89 1.94 20.82
C GLU A 610 10.41 1.97 20.59
N LEU A 611 11.18 1.82 21.66
CA LEU A 611 12.65 1.80 21.56
C LEU A 611 13.19 0.37 21.71
N GLY A 612 12.28 -0.61 21.78
CA GLY A 612 12.70 -1.99 21.90
C GLY A 612 12.57 -2.59 23.29
N ASN A 613 12.34 -1.74 24.31
CA ASN A 613 12.23 -2.22 25.69
C ASN A 613 13.51 -2.95 26.05
N TRP A 614 14.62 -2.23 25.98
CA TRP A 614 15.93 -2.75 26.30
C TRP A 614 16.45 -3.94 25.51
N SER A 615 15.91 -4.17 24.32
CA SER A 615 16.33 -5.29 23.48
C SER A 615 17.55 -4.98 22.59
N THR A 616 18.26 -6.03 22.15
CA THR A 616 19.40 -5.86 21.24
C THR A 616 19.13 -6.61 19.93
N GLY A 617 17.86 -6.93 19.68
CA GLY A 617 17.51 -7.68 18.49
C GLY A 617 16.75 -6.93 17.43
N SER A 618 15.81 -7.62 16.81
CA SER A 618 15.01 -7.03 15.73
C SER A 618 14.09 -5.89 16.20
N THR A 619 14.01 -5.69 17.51
CA THR A 619 13.16 -4.63 18.05
C THR A 619 13.93 -3.38 18.41
N ALA A 620 15.26 -3.48 18.36
CA ALA A 620 16.14 -2.37 18.65
C ALA A 620 16.13 -1.45 17.43
N ILE A 621 16.33 -0.16 17.66
CA ILE A 621 16.32 0.83 16.59
C ILE A 621 17.67 0.93 15.88
N GLY A 622 17.64 0.91 14.55
CA GLY A 622 18.87 1.00 13.78
C GLY A 622 18.92 0.08 12.58
N PRO A 623 20.06 -0.03 11.90
CA PRO A 623 21.29 0.68 12.24
C PRO A 623 21.21 2.18 11.89
N ALA A 624 21.75 2.98 12.80
CA ALA A 624 21.81 4.43 12.68
C ALA A 624 22.51 4.90 11.41
N PHE A 625 22.29 6.17 11.07
CA PHE A 625 22.87 6.81 9.89
C PHE A 625 24.10 7.62 10.29
N ASN A 626 24.98 7.87 9.32
CA ASN A 626 26.19 8.63 9.65
C ASN A 626 26.82 9.36 8.46
N GLN A 627 26.02 9.80 7.49
CA GLN A 627 26.56 10.48 6.30
C GLN A 627 25.98 11.83 5.92
N VAL A 628 24.67 11.87 5.64
CA VAL A 628 24.04 13.09 5.21
C VAL A 628 23.85 14.19 6.24
N ILE A 629 22.89 14.04 7.15
CA ILE A 629 22.67 15.09 8.13
C ILE A 629 23.83 15.26 9.13
N HIS A 630 24.47 14.15 9.52
CA HIS A 630 25.59 14.19 10.46
C HIS A 630 26.61 13.18 10.01
N GLN A 631 27.90 13.54 10.02
CA GLN A 631 28.94 12.62 9.55
C GLN A 631 29.62 11.83 10.63
N TYR A 632 30.05 10.62 10.28
CA TYR A 632 30.76 9.73 11.18
C TYR A 632 31.93 10.51 11.75
N PRO A 633 32.28 10.31 13.03
CA PRO A 633 31.75 9.45 14.10
C PRO A 633 30.49 9.90 14.85
N THR A 634 29.72 10.80 14.28
CA THR A 634 28.46 11.19 14.89
C THR A 634 27.46 10.37 14.10
N TRP A 635 26.45 9.84 14.77
CA TRP A 635 25.40 9.04 14.13
C TRP A 635 24.07 9.66 14.51
N TYR A 636 23.02 9.34 13.77
CA TYR A 636 21.67 9.88 14.05
C TYR A 636 20.56 8.97 13.49
N TYR A 637 19.33 9.18 13.99
CA TYR A 637 18.17 8.41 13.55
C TYR A 637 16.88 9.07 14.03
N ASP A 638 15.89 9.08 13.16
CA ASP A 638 14.62 9.67 13.44
C ASP A 638 13.77 8.50 13.93
N VAL A 639 13.25 8.60 15.15
CA VAL A 639 12.48 7.52 15.76
C VAL A 639 11.11 8.00 16.25
N SER A 640 10.06 7.19 16.04
CA SER A 640 8.73 7.56 16.50
C SER A 640 8.72 7.15 17.96
N VAL A 641 8.34 8.05 18.84
CA VAL A 641 8.40 7.72 20.23
C VAL A 641 7.23 8.37 21.01
N PRO A 642 6.84 7.83 22.19
CA PRO A 642 5.73 8.41 22.95
C PRO A 642 5.84 9.87 23.37
N ALA A 643 4.77 10.63 23.16
CA ALA A 643 4.70 12.05 23.49
C ALA A 643 4.69 12.33 25.00
N GLY A 644 5.40 13.37 25.42
CA GLY A 644 5.47 13.76 26.84
C GLY A 644 5.87 12.64 27.80
N LYS A 645 6.89 11.88 27.47
CA LYS A 645 7.31 10.81 28.34
C LYS A 645 8.79 10.88 28.59
N GLN A 646 9.19 10.53 29.81
CA GLN A 646 10.58 10.54 30.13
C GLN A 646 11.13 9.20 29.69
N LEU A 647 12.17 9.27 28.89
CA LEU A 647 12.80 8.10 28.34
C LEU A 647 14.22 7.91 28.82
N GLU A 648 14.57 6.65 29.00
CA GLU A 648 15.91 6.22 29.40
C GLU A 648 16.36 5.44 28.17
N PHE A 649 17.59 5.64 27.74
CA PHE A 649 18.05 4.96 26.56
C PHE A 649 19.56 4.92 26.53
N LYS A 650 20.10 4.01 25.73
CA LYS A 650 21.53 3.83 25.55
C LYS A 650 21.75 3.31 24.16
N PHE A 651 22.90 3.64 23.60
CA PHE A 651 23.29 3.18 22.28
C PHE A 651 24.13 1.92 22.48
N PHE A 652 24.33 1.14 21.43
CA PHE A 652 25.17 -0.07 21.51
C PHE A 652 25.69 -0.45 20.12
N LYS A 653 26.92 -0.95 20.06
CA LYS A 653 27.56 -1.35 18.81
C LYS A 653 27.43 -2.86 18.63
N LYS A 654 27.11 -3.28 17.42
CA LYS A 654 26.95 -4.68 17.12
C LYS A 654 27.59 -4.99 15.78
N ASN A 655 28.42 -6.02 15.74
CA ASN A 655 29.07 -6.45 14.49
C ASN A 655 28.49 -7.82 14.20
N GLY A 656 29.18 -8.87 14.65
CA GLY A 656 28.66 -10.21 14.48
C GLY A 656 27.66 -10.45 15.61
N SER A 657 28.06 -11.27 16.57
CA SER A 657 27.20 -11.57 17.70
C SER A 657 27.63 -10.85 18.99
N THR A 658 28.80 -10.21 18.99
CA THR A 658 29.26 -9.51 20.18
C THR A 658 28.65 -8.10 20.26
N ILE A 659 28.06 -7.82 21.43
CA ILE A 659 27.40 -6.55 21.71
C ILE A 659 28.22 -5.72 22.68
N THR A 660 28.44 -4.45 22.36
CA THR A 660 29.19 -3.59 23.26
C THR A 660 28.35 -2.33 23.50
N TRP A 661 27.94 -2.16 24.76
CA TRP A 661 27.10 -1.06 25.18
C TRP A 661 27.88 0.16 25.65
N GLU A 662 27.16 1.28 25.80
CA GLU A 662 27.74 2.49 26.35
C GLU A 662 27.90 2.19 27.84
N SER A 663 28.94 2.72 28.45
CA SER A 663 29.15 2.52 29.88
C SER A 663 28.34 3.61 30.61
N GLY A 664 28.69 3.88 31.86
CA GLY A 664 28.00 4.91 32.62
C GLY A 664 26.52 4.64 32.81
N SER A 665 25.77 5.67 33.18
CA SER A 665 24.33 5.54 33.39
C SER A 665 23.57 5.74 32.08
N ASN A 666 22.27 5.43 32.11
CA ASN A 666 21.43 5.58 30.95
C ASN A 666 21.23 7.07 30.70
N HIS A 667 21.03 7.44 29.43
CA HIS A 667 20.76 8.82 29.06
C HIS A 667 19.24 9.01 29.30
N THR A 668 18.82 10.22 29.60
CA THR A 668 17.40 10.48 29.79
C THR A 668 17.02 11.71 29.00
N PHE A 669 15.76 11.71 28.58
CA PHE A 669 15.22 12.80 27.81
C PHE A 669 13.70 12.74 27.98
N THR A 670 13.06 13.90 28.09
CA THR A 670 11.62 13.94 28.23
C THR A 670 11.15 14.43 26.87
N THR A 671 10.21 13.72 26.25
CA THR A 671 9.75 14.10 24.92
C THR A 671 8.69 15.19 24.96
N PRO A 672 8.60 15.99 23.88
CA PRO A 672 7.59 17.05 23.87
C PRO A 672 6.19 16.44 23.84
N ALA A 673 5.18 17.25 24.14
CA ALA A 673 3.81 16.77 24.12
C ALA A 673 3.37 16.50 22.69
N SER A 674 3.97 17.22 21.75
CA SER A 674 3.65 17.02 20.34
C SER A 674 4.76 17.60 19.45
N GLY A 675 4.70 17.27 18.16
CA GLY A 675 5.68 17.78 17.23
C GLY A 675 6.94 16.96 17.10
N THR A 676 8.09 17.65 17.12
CA THR A 676 9.38 16.98 16.97
C THR A 676 10.44 17.55 17.89
N ALA A 677 11.57 16.85 17.98
CA ALA A 677 12.70 17.31 18.80
C ALA A 677 13.98 16.58 18.43
N THR A 678 15.10 17.15 18.87
CA THR A 678 16.40 16.59 18.65
C THR A 678 17.03 16.48 20.02
N VAL A 679 17.75 15.41 20.26
CA VAL A 679 18.42 15.23 21.54
C VAL A 679 19.83 14.75 21.19
N THR A 680 20.84 15.44 21.68
CA THR A 680 22.21 15.08 21.37
C THR A 680 22.99 14.59 22.59
N VAL A 681 23.64 13.44 22.45
CA VAL A 681 24.39 12.92 23.56
C VAL A 681 25.76 12.51 23.10
N ASN A 682 26.64 12.22 24.07
CA ASN A 682 27.99 11.79 23.77
C ASN A 682 28.14 10.35 24.14
N TRP A 683 28.75 9.57 23.24
CA TRP A 683 28.94 8.16 23.51
C TRP A 683 29.70 8.00 24.81
N GLN A 684 29.23 7.07 25.64
CA GLN A 684 29.85 6.82 26.94
C GLN A 684 30.76 5.60 26.95
C1 GLC B . 17.84 6.01 -12.82
C2 GLC B . 16.97 4.89 -13.39
C3 GLC B . 15.62 4.82 -12.69
C4 GLC B . 15.77 4.76 -11.16
C5 GLC B . 16.79 5.79 -10.64
C6 GLC B . 17.22 5.50 -9.20
O2 GLC B . 16.78 5.06 -14.78
O3 GLC B . 14.90 3.69 -13.16
O4 GLC B . 14.47 5.02 -10.57
O5 GLC B . 18.01 5.80 -11.41
O6 GLC B . 16.14 5.66 -8.30
C1 GLC B . 13.86 4.07 -9.74
C2 GLC B . 12.51 3.66 -10.34
C3 GLC B . 11.52 4.83 -10.33
C4 GLC B . 11.42 5.48 -8.93
C5 GLC B . 12.84 5.78 -8.39
C6 GLC B . 12.89 6.30 -6.96
O2 GLC B . 12.68 3.20 -11.66
O3 GLC B . 10.24 4.38 -10.75
O4 GLC B . 10.67 6.71 -9.01
O5 GLC B . 13.65 4.58 -8.43
O6 GLC B . 12.46 5.32 -6.02
C1 GLC B . 9.81 7.00 -7.94
C2 GLC B . 8.39 6.56 -8.28
C3 GLC B . 7.83 7.36 -9.45
C4 GLC B . 8.01 8.87 -9.28
C5 GLC B . 9.41 9.25 -8.71
C6 GLC B . 9.40 10.66 -8.11
O2 GLC B . 8.40 5.17 -8.61
O3 GLC B . 6.44 7.10 -9.59
O4 GLC B . 7.83 9.49 -10.58
O5 GLC B . 9.80 8.38 -7.62
O6 GLC B . 8.46 10.75 -7.05
C1 GLC B . 6.94 10.57 -10.66
C2 GLC B . 6.26 10.59 -12.04
C3 GLC B . 7.23 11.08 -13.13
C4 GLC B . 7.92 12.37 -12.72
C5 GLC B . 8.59 12.19 -11.36
C6 GLC B . 9.33 13.41 -10.83
O2 GLC B . 5.79 9.28 -12.38
O3 GLC B . 6.55 11.27 -14.36
O4 GLC B . 8.90 12.71 -13.72
O5 GLC B . 7.59 11.81 -10.39
O6 GLC B . 8.55 14.60 -10.98
C1 GLC B . 8.89 14.01 -14.22
C2 GLC B . 9.27 13.96 -15.70
C3 GLC B . 10.70 13.49 -15.84
C4 GLC B . 11.67 14.41 -15.05
C5 GLC B . 11.19 14.54 -13.58
C6 GLC B . 11.94 15.62 -12.80
O2 GLC B . 8.39 13.07 -16.38
O3 GLC B . 11.05 13.51 -17.21
O4 GLC B . 12.99 13.82 -15.06
O5 GLC B . 9.77 14.88 -13.52
O6 GLC B . 11.15 16.20 -11.78
C1 GLC B . 14.07 14.59 -15.55
C2 GLC B . 14.61 13.97 -16.84
C3 GLC B . 15.17 12.59 -16.55
C4 GLC B . 16.29 12.65 -15.49
C5 GLC B . 15.80 13.45 -14.24
C6 GLC B . 16.93 13.79 -13.27
O2 GLC B . 13.58 13.90 -17.81
O3 GLC B . 15.64 11.99 -17.76
O4 GLC B . 16.64 11.31 -15.08
O5 GLC B . 15.15 14.70 -14.60
O6 GLC B . 17.80 14.81 -13.76
C1 GLC B . 17.97 10.87 -15.21
C2 GLC B . 18.01 9.57 -16.03
C3 GLC B . 17.41 8.40 -15.24
C4 GLC B . 18.04 8.25 -13.85
C5 GLC B . 18.07 9.61 -13.13
C6 GLC B . 18.91 9.58 -11.85
O2 GLC B . 17.26 9.75 -17.24
O3 GLC B . 17.57 7.20 -15.97
O4 GLC B . 17.27 7.28 -13.09
O5 GLC B . 18.63 10.66 -13.96
O6 GLC B . 20.30 9.54 -12.14
CA CA C . 13.19 12.85 1.31
CA CA D . -11.44 19.19 -17.57
#